data_1YVC
#
_entry.id   1YVC
#
_entity_poly.entity_id   1
_entity_poly.type   'polypeptide(L)'
_entity_poly.pdbx_seq_one_letter_code
;MAFGKPAMKNVPVEAGKEYEVTIEDMGKGGDGIARIDGFVVFVPNAEKGSVINVKVTAVKEKFAFAERVL
;
_entity_poly.pdbx_strand_id   A
#
# COMPACT_ATOMS: atom_id res chain seq x y z
N MET A 1 19.70 22.45 -4.14
CA MET A 1 18.59 22.36 -5.11
C MET A 1 17.32 21.91 -4.41
N ALA A 2 16.41 22.84 -4.18
CA ALA A 2 15.17 22.56 -3.49
C ALA A 2 14.10 23.58 -3.85
N PHE A 3 12.96 23.09 -4.30
CA PHE A 3 11.82 23.96 -4.62
C PHE A 3 10.87 24.03 -3.43
N GLY A 4 11.36 24.60 -2.33
CA GLY A 4 10.61 24.60 -1.09
C GLY A 4 11.07 23.48 -0.19
N LYS A 5 10.84 22.25 -0.65
CA LYS A 5 11.30 21.06 0.04
C LYS A 5 11.76 20.03 -0.98
N PRO A 6 12.72 19.16 -0.63
CA PRO A 6 13.19 18.10 -1.51
C PRO A 6 12.21 16.94 -1.58
N ALA A 7 11.34 16.98 -2.58
CA ALA A 7 10.36 15.92 -2.80
C ALA A 7 9.38 15.84 -1.64
N MET A 8 8.63 14.74 -1.58
CA MET A 8 7.66 14.53 -0.51
C MET A 8 8.26 13.63 0.57
N LYS A 9 9.54 13.85 0.84
CA LYS A 9 10.27 13.11 1.89
C LYS A 9 10.43 11.65 1.51
N ASN A 10 10.34 11.37 0.21
CA ASN A 10 10.43 10.00 -0.32
C ASN A 10 9.32 9.11 0.22
N VAL A 11 8.28 8.93 -0.56
CA VAL A 11 7.20 8.02 -0.23
C VAL A 11 7.66 6.57 -0.46
N PRO A 12 7.53 5.70 0.56
CA PRO A 12 7.97 4.30 0.48
C PRO A 12 7.29 3.52 -0.64
N VAL A 13 6.13 4.01 -1.07
CA VAL A 13 5.39 3.37 -2.13
C VAL A 13 5.32 4.27 -3.36
N GLU A 14 5.83 3.79 -4.48
CA GLU A 14 5.87 4.57 -5.69
C GLU A 14 4.71 4.20 -6.62
N ALA A 15 3.86 5.18 -6.89
CA ALA A 15 2.70 4.98 -7.76
C ALA A 15 3.14 4.64 -9.18
N GLY A 16 2.64 3.53 -9.68
CA GLY A 16 3.03 3.07 -11.01
C GLY A 16 3.85 1.80 -10.96
N LYS A 17 4.15 1.36 -9.74
CA LYS A 17 4.92 0.14 -9.55
C LYS A 17 4.10 -0.88 -8.77
N GLU A 18 4.45 -2.14 -8.89
CA GLU A 18 3.75 -3.20 -8.18
C GLU A 18 4.68 -3.97 -7.25
N TYR A 19 4.24 -4.13 -6.01
CA TYR A 19 5.04 -4.75 -4.97
C TYR A 19 4.33 -5.95 -4.40
N GLU A 20 5.08 -6.94 -3.93
CA GLU A 20 4.48 -8.08 -3.25
C GLU A 20 4.29 -7.74 -1.78
N VAL A 21 3.05 -7.76 -1.34
CA VAL A 21 2.70 -7.37 0.01
C VAL A 21 1.83 -8.42 0.67
N THR A 22 1.70 -8.32 1.97
CA THR A 22 0.82 -9.20 2.72
C THR A 22 -0.39 -8.43 3.21
N ILE A 23 -1.52 -9.12 3.33
CA ILE A 23 -2.77 -8.52 3.72
C ILE A 23 -3.11 -9.02 5.10
N GLU A 24 -2.22 -8.68 6.00
CA GLU A 24 -2.32 -9.04 7.40
C GLU A 24 -3.57 -8.43 8.05
N ASP A 25 -4.04 -7.33 7.48
CA ASP A 25 -5.16 -6.60 8.06
C ASP A 25 -6.30 -6.44 7.06
N MET A 26 -7.53 -6.40 7.57
CA MET A 26 -8.70 -6.12 6.75
C MET A 26 -9.44 -4.91 7.30
N GLY A 27 -10.07 -4.15 6.41
CA GLY A 27 -10.78 -2.96 6.83
C GLY A 27 -12.26 -3.19 7.02
N LYS A 28 -12.95 -2.16 7.53
CA LYS A 28 -14.36 -2.24 7.88
C LYS A 28 -15.27 -2.20 6.64
N GLY A 29 -14.70 -2.47 5.49
CA GLY A 29 -15.46 -2.42 4.26
C GLY A 29 -15.03 -3.49 3.28
N GLY A 30 -14.51 -4.60 3.80
CA GLY A 30 -14.05 -5.68 2.96
C GLY A 30 -12.81 -5.31 2.15
N ASP A 31 -12.11 -4.30 2.63
CA ASP A 31 -10.90 -3.82 1.98
C ASP A 31 -9.68 -4.42 2.65
N GLY A 32 -8.66 -4.72 1.87
CA GLY A 32 -7.48 -5.35 2.42
C GLY A 32 -6.38 -4.36 2.70
N ILE A 33 -5.79 -4.43 3.87
CA ILE A 33 -4.74 -3.49 4.25
C ILE A 33 -3.37 -4.14 4.12
N ALA A 34 -2.67 -3.76 3.06
CA ALA A 34 -1.28 -4.10 2.93
C ALA A 34 -0.45 -3.09 3.68
N ARG A 35 0.76 -3.47 4.04
CA ARG A 35 1.60 -2.59 4.83
C ARG A 35 3.05 -2.73 4.40
N ILE A 36 3.54 -1.69 3.73
CA ILE A 36 4.92 -1.66 3.29
C ILE A 36 5.75 -0.82 4.24
N ASP A 37 6.60 -1.50 5.01
CA ASP A 37 7.43 -0.87 6.04
C ASP A 37 6.59 -0.14 7.08
N GLY A 38 5.30 -0.44 7.12
CA GLY A 38 4.41 0.23 8.05
C GLY A 38 3.44 1.15 7.32
N PHE A 39 3.78 1.48 6.08
CA PHE A 39 2.93 2.35 5.27
C PHE A 39 1.67 1.60 4.86
N VAL A 40 0.54 2.10 5.31
CA VAL A 40 -0.75 1.49 5.03
C VAL A 40 -1.14 1.64 3.56
N VAL A 41 -1.26 0.51 2.88
CA VAL A 41 -1.61 0.48 1.48
C VAL A 41 -2.93 -0.28 1.30
N PHE A 42 -3.99 0.44 0.99
CA PHE A 42 -5.33 -0.14 0.88
C PHE A 42 -5.49 -0.86 -0.44
N VAL A 43 -5.95 -2.11 -0.37
CA VAL A 43 -6.13 -2.93 -1.55
C VAL A 43 -7.57 -3.46 -1.62
N PRO A 44 -8.39 -2.90 -2.52
CA PRO A 44 -9.83 -3.18 -2.61
C PRO A 44 -10.18 -4.62 -3.00
N ASN A 45 -9.18 -5.38 -3.39
CA ASN A 45 -9.42 -6.68 -4.04
C ASN A 45 -8.41 -7.73 -3.60
N ALA A 46 -7.78 -7.51 -2.46
CA ALA A 46 -6.85 -8.48 -1.90
C ALA A 46 -7.54 -9.34 -0.84
N GLU A 47 -7.00 -10.53 -0.62
CA GLU A 47 -7.52 -11.44 0.39
C GLU A 47 -6.58 -11.49 1.59
N LYS A 48 -7.15 -11.63 2.78
CA LYS A 48 -6.38 -11.60 4.02
C LYS A 48 -5.44 -12.79 4.11
N GLY A 49 -4.22 -12.52 4.56
CA GLY A 49 -3.26 -13.59 4.78
C GLY A 49 -2.54 -14.01 3.51
N SER A 50 -2.90 -13.41 2.39
CA SER A 50 -2.27 -13.74 1.13
C SER A 50 -1.10 -12.81 0.82
N VAL A 51 -0.14 -13.32 0.07
CA VAL A 51 0.97 -12.50 -0.43
C VAL A 51 0.66 -12.08 -1.85
N ILE A 52 0.21 -10.85 -2.00
CA ILE A 52 -0.31 -10.38 -3.27
C ILE A 52 0.54 -9.28 -3.87
N ASN A 53 0.62 -9.30 -5.19
CA ASN A 53 1.34 -8.27 -5.94
C ASN A 53 0.39 -7.12 -6.22
N VAL A 54 0.64 -5.97 -5.61
CA VAL A 54 -0.25 -4.84 -5.74
C VAL A 54 0.42 -3.68 -6.46
N LYS A 55 -0.31 -3.09 -7.39
CA LYS A 55 0.17 -1.90 -8.09
C LYS A 55 -0.35 -0.66 -7.38
N VAL A 56 0.56 0.07 -6.75
CA VAL A 56 0.17 1.31 -6.09
C VAL A 56 -0.25 2.33 -7.14
N THR A 57 -1.54 2.67 -7.13
CA THR A 57 -2.09 3.52 -8.17
C THR A 57 -2.45 4.91 -7.66
N ALA A 58 -2.73 5.03 -6.37
CA ALA A 58 -3.17 6.30 -5.82
C ALA A 58 -2.61 6.54 -4.43
N VAL A 59 -1.47 7.21 -4.36
CA VAL A 59 -0.90 7.61 -3.09
C VAL A 59 -1.60 8.86 -2.58
N LYS A 60 -2.11 8.79 -1.36
CA LYS A 60 -2.81 9.91 -0.74
C LYS A 60 -1.94 10.56 0.32
N GLU A 61 -2.57 11.37 1.18
CA GLU A 61 -1.85 12.14 2.19
C GLU A 61 -1.18 11.25 3.25
N LYS A 62 -1.93 10.30 3.80
CA LYS A 62 -1.43 9.51 4.93
C LYS A 62 -1.40 8.02 4.60
N PHE A 63 -1.74 7.68 3.37
CA PHE A 63 -1.88 6.28 2.96
C PHE A 63 -1.95 6.18 1.44
N ALA A 64 -1.84 4.97 0.92
CA ALA A 64 -1.91 4.78 -0.52
C ALA A 64 -2.92 3.69 -0.89
N PHE A 65 -3.37 3.73 -2.12
CA PHE A 65 -4.28 2.73 -2.65
C PHE A 65 -3.59 1.93 -3.74
N ALA A 66 -3.78 0.62 -3.70
CA ALA A 66 -3.17 -0.27 -4.68
C ALA A 66 -4.23 -1.17 -5.30
N GLU A 67 -3.79 -2.04 -6.20
CA GLU A 67 -4.71 -2.98 -6.85
C GLU A 67 -4.06 -4.34 -7.05
N ARG A 68 -4.87 -5.38 -6.90
CA ARG A 68 -4.44 -6.76 -7.08
C ARG A 68 -4.08 -7.05 -8.53
N VAL A 69 -2.79 -7.16 -8.81
CA VAL A 69 -2.30 -7.54 -10.13
C VAL A 69 -2.31 -9.07 -10.28
N LEU A 70 -3.13 -9.72 -9.48
CA LEU A 70 -3.23 -11.18 -9.51
C LEU A 70 -4.50 -11.61 -10.21
N MET A 1 13.30 27.36 -10.69
CA MET A 1 12.38 26.41 -10.00
C MET A 1 13.17 25.29 -9.35
N ALA A 2 12.65 24.78 -8.24
CA ALA A 2 13.32 23.69 -7.52
C ALA A 2 12.59 22.38 -7.71
N PHE A 3 11.52 22.17 -6.95
CA PHE A 3 10.84 20.89 -6.93
C PHE A 3 9.37 21.04 -7.27
N GLY A 4 8.64 19.94 -7.16
CA GLY A 4 7.27 19.88 -7.63
C GLY A 4 7.11 18.77 -8.62
N LYS A 5 8.23 18.44 -9.25
CA LYS A 5 8.34 17.30 -10.14
C LYS A 5 9.42 16.33 -9.65
N PRO A 6 10.63 16.84 -9.30
CA PRO A 6 11.68 16.01 -8.70
C PRO A 6 11.63 16.04 -7.18
N ALA A 7 12.35 15.09 -6.56
CA ALA A 7 12.48 15.01 -5.09
C ALA A 7 11.15 14.78 -4.39
N MET A 8 10.13 14.40 -5.14
CA MET A 8 8.81 14.16 -4.57
C MET A 8 8.60 12.66 -4.37
N LYS A 9 9.68 11.96 -4.07
CA LYS A 9 9.62 10.52 -3.85
C LYS A 9 9.81 10.19 -2.37
N ASN A 10 9.43 11.15 -1.52
CA ASN A 10 9.51 10.98 -0.07
C ASN A 10 8.33 10.13 0.44
N VAL A 11 8.18 8.96 -0.17
CA VAL A 11 7.03 8.08 0.05
C VAL A 11 7.43 6.66 -0.37
N PRO A 12 7.29 5.68 0.54
CA PRO A 12 7.71 4.29 0.30
C PRO A 12 7.07 3.68 -0.95
N VAL A 13 5.87 4.13 -1.26
CA VAL A 13 5.14 3.61 -2.41
C VAL A 13 5.17 4.59 -3.57
N GLU A 14 5.60 4.09 -4.72
CA GLU A 14 5.61 4.89 -5.93
C GLU A 14 4.41 4.54 -6.80
N ALA A 15 3.62 5.55 -7.13
CA ALA A 15 2.47 5.36 -8.01
C ALA A 15 2.93 4.87 -9.38
N GLY A 16 2.61 3.61 -9.68
CA GLY A 16 3.02 3.03 -10.92
C GLY A 16 3.83 1.76 -10.73
N LYS A 17 4.38 1.58 -9.53
CA LYS A 17 5.18 0.39 -9.24
C LYS A 17 4.33 -0.71 -8.60
N GLU A 18 4.87 -1.92 -8.62
CA GLU A 18 4.19 -3.08 -8.05
C GLU A 18 5.02 -3.67 -6.92
N TYR A 19 4.40 -3.87 -5.78
CA TYR A 19 5.10 -4.43 -4.63
C TYR A 19 4.30 -5.62 -4.07
N GLU A 20 4.95 -6.77 -3.92
CA GLU A 20 4.30 -7.92 -3.33
C GLU A 20 4.23 -7.78 -1.82
N VAL A 21 3.00 -7.75 -1.31
CA VAL A 21 2.75 -7.41 0.08
C VAL A 21 1.86 -8.45 0.77
N THR A 22 1.85 -8.43 2.09
CA THR A 22 1.01 -9.31 2.86
C THR A 22 -0.27 -8.58 3.29
N ILE A 23 -1.36 -9.32 3.42
CA ILE A 23 -2.66 -8.76 3.71
C ILE A 23 -3.17 -9.36 5.01
N GLU A 24 -2.46 -9.06 6.07
CA GLU A 24 -2.79 -9.58 7.39
C GLU A 24 -3.82 -8.70 8.08
N ASP A 25 -4.15 -7.58 7.44
CA ASP A 25 -5.09 -6.63 7.97
C ASP A 25 -6.28 -6.51 7.03
N MET A 26 -7.48 -6.54 7.59
CA MET A 26 -8.69 -6.43 6.78
C MET A 26 -9.57 -5.28 7.26
N GLY A 27 -10.26 -4.65 6.32
CA GLY A 27 -11.19 -3.61 6.67
C GLY A 27 -12.55 -4.18 6.96
N LYS A 28 -13.04 -5.01 6.05
CA LYS A 28 -14.26 -5.76 6.26
C LYS A 28 -14.42 -6.88 5.26
N GLY A 29 -14.84 -6.52 4.07
CA GLY A 29 -15.18 -7.52 3.07
C GLY A 29 -14.44 -7.36 1.78
N GLY A 30 -13.16 -7.71 1.78
CA GLY A 30 -12.38 -7.70 0.55
C GLY A 30 -11.41 -6.55 0.52
N ASP A 31 -11.80 -5.47 1.18
CA ASP A 31 -10.92 -4.33 1.38
C ASP A 31 -9.86 -4.68 2.40
N GLY A 32 -8.65 -4.90 1.92
CA GLY A 32 -7.58 -5.34 2.78
C GLY A 32 -6.54 -4.26 3.00
N ILE A 33 -5.76 -4.43 4.06
CA ILE A 33 -4.72 -3.49 4.39
C ILE A 33 -3.35 -4.15 4.25
N ALA A 34 -2.60 -3.73 3.25
CA ALA A 34 -1.24 -4.19 3.09
C ALA A 34 -0.27 -3.24 3.74
N ARG A 35 0.87 -3.78 4.10
CA ARG A 35 1.85 -3.06 4.87
C ARG A 35 3.16 -2.98 4.11
N ILE A 36 3.46 -1.83 3.54
CA ILE A 36 4.74 -1.63 2.88
C ILE A 36 5.66 -0.84 3.78
N ASP A 37 6.56 -1.58 4.41
CA ASP A 37 7.46 -1.02 5.43
C ASP A 37 6.68 -0.61 6.69
N GLY A 38 5.36 -0.72 6.63
CA GLY A 38 4.52 -0.20 7.68
C GLY A 38 3.52 0.79 7.12
N PHE A 39 3.83 1.32 5.94
CA PHE A 39 2.94 2.24 5.24
C PHE A 39 1.67 1.50 4.85
N VAL A 40 0.54 2.06 5.25
CA VAL A 40 -0.74 1.42 5.03
C VAL A 40 -1.19 1.58 3.58
N VAL A 41 -1.25 0.46 2.89
CA VAL A 41 -1.71 0.43 1.52
C VAL A 41 -3.07 -0.26 1.44
N PHE A 42 -4.10 0.52 1.13
CA PHE A 42 -5.46 0.00 1.03
C PHE A 42 -5.65 -0.73 -0.28
N VAL A 43 -5.99 -2.00 -0.18
CA VAL A 43 -6.15 -2.83 -1.35
C VAL A 43 -7.57 -3.40 -1.42
N PRO A 44 -8.40 -2.85 -2.30
CA PRO A 44 -9.84 -3.20 -2.39
C PRO A 44 -10.09 -4.54 -3.10
N ASN A 45 -9.06 -5.35 -3.21
CA ASN A 45 -9.14 -6.63 -3.90
C ASN A 45 -8.11 -7.60 -3.33
N ALA A 46 -7.68 -7.31 -2.12
CA ALA A 46 -6.74 -8.16 -1.40
C ALA A 46 -7.42 -9.37 -0.80
N GLU A 47 -6.62 -10.30 -0.34
CA GLU A 47 -7.12 -11.51 0.30
C GLU A 47 -6.48 -11.65 1.68
N LYS A 48 -7.31 -11.98 2.66
CA LYS A 48 -6.86 -12.08 4.05
C LYS A 48 -5.83 -13.20 4.20
N GLY A 49 -4.65 -12.83 4.67
CA GLY A 49 -3.61 -13.82 4.92
C GLY A 49 -2.85 -14.20 3.67
N SER A 50 -3.14 -13.53 2.57
CA SER A 50 -2.50 -13.84 1.30
C SER A 50 -1.41 -12.81 1.00
N VAL A 51 -0.54 -13.16 0.06
CA VAL A 51 0.55 -12.28 -0.33
C VAL A 51 0.34 -11.84 -1.77
N ILE A 52 -0.16 -10.63 -1.95
CA ILE A 52 -0.55 -10.16 -3.28
C ILE A 52 0.43 -9.10 -3.78
N ASN A 53 0.66 -9.10 -5.08
CA ASN A 53 1.43 -8.04 -5.71
C ASN A 53 0.53 -6.85 -5.98
N VAL A 54 0.81 -5.72 -5.34
CA VAL A 54 -0.02 -4.54 -5.48
C VAL A 54 0.66 -3.46 -6.30
N LYS A 55 -0.07 -2.93 -7.27
CA LYS A 55 0.40 -1.79 -8.02
C LYS A 55 -0.25 -0.53 -7.45
N VAL A 56 0.55 0.25 -6.74
CA VAL A 56 0.05 1.49 -6.15
C VAL A 56 -0.29 2.49 -7.24
N THR A 57 -1.56 2.80 -7.40
CA THR A 57 -2.01 3.66 -8.47
C THR A 57 -2.47 5.02 -7.96
N ALA A 58 -2.75 5.11 -6.67
CA ALA A 58 -3.24 6.35 -6.08
C ALA A 58 -2.67 6.55 -4.68
N VAL A 59 -1.56 7.26 -4.62
CA VAL A 59 -0.95 7.61 -3.33
C VAL A 59 -1.59 8.87 -2.78
N LYS A 60 -2.03 8.82 -1.53
CA LYS A 60 -2.63 9.96 -0.87
C LYS A 60 -1.66 10.55 0.15
N GLU A 61 -2.13 11.51 0.92
CA GLU A 61 -1.31 12.15 1.95
C GLU A 61 -1.07 11.23 3.14
N LYS A 62 -2.10 10.51 3.55
CA LYS A 62 -1.99 9.62 4.70
C LYS A 62 -1.60 8.21 4.29
N PHE A 63 -2.25 7.71 3.25
CA PHE A 63 -2.11 6.33 2.83
C PHE A 63 -2.13 6.21 1.32
N ALA A 64 -2.18 5.00 0.81
CA ALA A 64 -2.19 4.79 -0.63
C ALA A 64 -3.17 3.69 -1.03
N PHE A 65 -3.61 3.72 -2.27
CA PHE A 65 -4.46 2.68 -2.82
C PHE A 65 -3.70 1.91 -3.89
N ALA A 66 -3.87 0.59 -3.90
CA ALA A 66 -3.17 -0.25 -4.86
C ALA A 66 -4.06 -1.38 -5.32
N GLU A 67 -3.74 -1.96 -6.48
CA GLU A 67 -4.50 -3.07 -7.02
C GLU A 67 -3.67 -4.34 -7.04
N ARG A 68 -4.31 -5.44 -6.66
CA ARG A 68 -3.73 -6.76 -6.77
C ARG A 68 -3.56 -7.15 -8.25
N VAL A 69 -2.31 -7.20 -8.69
CA VAL A 69 -1.98 -7.44 -10.11
C VAL A 69 -2.03 -8.93 -10.46
N LEU A 70 -2.80 -9.69 -9.70
CA LEU A 70 -2.94 -11.13 -9.95
C LEU A 70 -4.40 -11.53 -9.84
N MET A 1 14.53 18.96 12.02
CA MET A 1 15.19 18.39 10.82
C MET A 1 14.79 19.15 9.57
N ALA A 2 13.50 19.37 9.39
CA ALA A 2 13.01 20.09 8.22
C ALA A 2 11.79 20.92 8.55
N PHE A 3 11.13 21.42 7.52
CA PHE A 3 9.94 22.24 7.69
C PHE A 3 8.69 21.38 7.86
N GLY A 4 8.77 20.43 8.77
CA GLY A 4 7.67 19.52 9.02
C GLY A 4 7.86 18.21 8.29
N LYS A 5 7.87 18.27 6.98
CA LYS A 5 8.07 17.09 6.15
C LYS A 5 9.24 17.30 5.21
N PRO A 6 10.30 16.49 5.35
CA PRO A 6 11.48 16.56 4.49
C PRO A 6 11.36 15.66 3.27
N ALA A 7 12.52 15.40 2.65
CA ALA A 7 12.58 14.58 1.45
C ALA A 7 12.98 13.15 1.80
N MET A 8 13.77 12.53 0.92
CA MET A 8 14.27 11.17 1.13
C MET A 8 13.15 10.15 1.04
N LYS A 9 12.06 10.56 0.42
CA LYS A 9 10.86 9.72 0.27
C LYS A 9 10.37 9.20 1.63
N ASN A 10 9.57 10.01 2.31
CA ASN A 10 8.88 9.56 3.51
C ASN A 10 7.62 8.79 3.11
N VAL A 11 7.79 7.98 2.08
CA VAL A 11 6.73 7.23 1.43
C VAL A 11 7.39 6.10 0.65
N PRO A 12 7.28 4.86 1.16
CA PRO A 12 7.97 3.70 0.59
C PRO A 12 7.44 3.31 -0.77
N VAL A 13 6.17 3.56 -0.97
CA VAL A 13 5.50 3.21 -2.20
C VAL A 13 5.77 4.26 -3.28
N GLU A 14 5.51 3.87 -4.52
CA GLU A 14 5.69 4.76 -5.66
C GLU A 14 4.64 4.44 -6.71
N ALA A 15 3.82 5.42 -7.03
CA ALA A 15 2.72 5.24 -7.97
C ALA A 15 3.24 4.79 -9.33
N GLY A 16 2.83 3.59 -9.74
CA GLY A 16 3.27 3.05 -11.00
C GLY A 16 4.03 1.76 -10.84
N LYS A 17 4.63 1.56 -9.67
CA LYS A 17 5.39 0.35 -9.39
C LYS A 17 4.48 -0.70 -8.76
N GLU A 18 4.89 -1.96 -8.90
CA GLU A 18 4.13 -3.06 -8.36
C GLU A 18 4.92 -3.75 -7.24
N TYR A 19 4.30 -3.93 -6.09
CA TYR A 19 4.96 -4.48 -4.93
C TYR A 19 4.26 -5.72 -4.42
N GLU A 20 5.04 -6.67 -3.96
CA GLU A 20 4.52 -7.88 -3.34
C GLU A 20 4.19 -7.60 -1.87
N VAL A 21 2.91 -7.59 -1.52
CA VAL A 21 2.50 -7.18 -0.19
C VAL A 21 1.72 -8.28 0.53
N THR A 22 1.81 -8.27 1.86
CA THR A 22 1.06 -9.20 2.68
C THR A 22 -0.21 -8.54 3.21
N ILE A 23 -1.23 -9.32 3.48
CA ILE A 23 -2.53 -8.80 3.86
C ILE A 23 -2.90 -9.37 5.22
N GLU A 24 -2.12 -9.01 6.21
CA GLU A 24 -2.33 -9.46 7.58
C GLU A 24 -3.59 -8.87 8.19
N ASP A 25 -4.07 -7.78 7.61
CA ASP A 25 -5.21 -7.09 8.16
C ASP A 25 -6.30 -6.90 7.11
N MET A 26 -7.54 -7.09 7.53
CA MET A 26 -8.69 -6.87 6.67
C MET A 26 -9.59 -5.81 7.28
N GLY A 27 -10.15 -4.97 6.43
CA GLY A 27 -11.04 -3.92 6.89
C GLY A 27 -12.43 -4.45 7.13
N LYS A 28 -13.09 -4.85 6.05
CA LYS A 28 -14.44 -5.40 6.13
C LYS A 28 -14.85 -5.98 4.79
N GLY A 29 -14.35 -7.15 4.54
CA GLY A 29 -14.74 -7.92 3.37
C GLY A 29 -14.01 -7.50 2.11
N GLY A 30 -14.23 -6.29 1.67
CA GLY A 30 -13.69 -5.83 0.41
C GLY A 30 -12.63 -4.77 0.58
N ASP A 31 -11.82 -4.93 1.60
CA ASP A 31 -10.73 -4.00 1.88
C ASP A 31 -9.66 -4.69 2.70
N GLY A 32 -8.47 -4.79 2.13
CA GLY A 32 -7.37 -5.40 2.84
C GLY A 32 -6.29 -4.38 3.12
N ILE A 33 -5.69 -4.49 4.29
CA ILE A 33 -4.67 -3.55 4.70
C ILE A 33 -3.28 -4.13 4.45
N ALA A 34 -2.69 -3.74 3.33
CA ALA A 34 -1.32 -4.07 3.05
C ALA A 34 -0.44 -2.90 3.38
N ARG A 35 0.50 -3.13 4.24
CA ARG A 35 1.33 -2.06 4.72
C ARG A 35 2.78 -2.27 4.36
N ILE A 36 3.26 -1.47 3.44
CA ILE A 36 4.64 -1.51 3.01
C ILE A 36 5.48 -0.66 3.95
N ASP A 37 6.34 -1.34 4.70
CA ASP A 37 7.17 -0.70 5.74
C ASP A 37 6.27 -0.05 6.81
N GLY A 38 5.02 -0.47 6.87
CA GLY A 38 4.09 0.10 7.84
C GLY A 38 3.17 1.12 7.21
N PHE A 39 3.46 1.47 5.96
CA PHE A 39 2.66 2.42 5.21
C PHE A 39 1.39 1.74 4.71
N VAL A 40 0.25 2.17 5.22
CA VAL A 40 -1.02 1.55 4.89
C VAL A 40 -1.43 1.77 3.45
N VAL A 41 -1.38 0.70 2.68
CA VAL A 41 -1.81 0.70 1.30
C VAL A 41 -3.13 -0.09 1.20
N PHE A 42 -4.21 0.63 0.93
CA PHE A 42 -5.53 0.02 0.88
C PHE A 42 -5.71 -0.79 -0.39
N VAL A 43 -6.25 -2.00 -0.24
CA VAL A 43 -6.38 -2.92 -1.35
C VAL A 43 -7.80 -3.49 -1.42
N PRO A 44 -8.54 -3.16 -2.48
CA PRO A 44 -9.94 -3.59 -2.63
C PRO A 44 -10.09 -5.07 -3.02
N ASN A 45 -8.98 -5.72 -3.34
CA ASN A 45 -9.02 -7.10 -3.82
C ASN A 45 -8.14 -8.02 -2.98
N ALA A 46 -7.64 -7.49 -1.88
CA ALA A 46 -6.77 -8.24 -0.98
C ALA A 46 -7.54 -9.33 -0.22
N GLU A 47 -6.82 -10.40 0.11
CA GLU A 47 -7.40 -11.49 0.86
C GLU A 47 -6.57 -11.74 2.13
N LYS A 48 -7.26 -12.06 3.22
CA LYS A 48 -6.62 -12.25 4.51
C LYS A 48 -5.50 -13.29 4.45
N GLY A 49 -4.33 -12.92 4.97
CA GLY A 49 -3.23 -13.86 5.08
C GLY A 49 -2.68 -14.28 3.72
N SER A 50 -2.91 -13.47 2.71
CA SER A 50 -2.43 -13.77 1.38
C SER A 50 -1.37 -12.76 0.96
N VAL A 51 -0.55 -13.13 0.00
CA VAL A 51 0.52 -12.26 -0.48
C VAL A 51 0.29 -11.94 -1.94
N ILE A 52 -0.25 -10.76 -2.20
CA ILE A 52 -0.62 -10.39 -3.56
C ILE A 52 0.32 -9.28 -4.06
N ASN A 53 0.50 -9.22 -5.36
CA ASN A 53 1.32 -8.20 -5.97
C ASN A 53 0.45 -7.02 -6.34
N VAL A 54 0.73 -5.84 -5.79
CA VAL A 54 -0.12 -4.68 -6.00
C VAL A 54 0.58 -3.59 -6.78
N LYS A 55 -0.15 -2.97 -7.68
CA LYS A 55 0.33 -1.78 -8.36
C LYS A 55 -0.26 -0.55 -7.68
N VAL A 56 0.58 0.21 -6.98
CA VAL A 56 0.12 1.43 -6.32
C VAL A 56 -0.23 2.49 -7.36
N THR A 57 -1.50 2.81 -7.47
CA THR A 57 -1.98 3.73 -8.48
C THR A 57 -2.23 5.13 -7.93
N ALA A 58 -2.57 5.22 -6.64
CA ALA A 58 -2.96 6.47 -6.05
C ALA A 58 -2.40 6.62 -4.65
N VAL A 59 -1.26 7.26 -4.55
CA VAL A 59 -0.66 7.58 -3.26
C VAL A 59 -1.31 8.84 -2.69
N LYS A 60 -1.68 8.79 -1.41
CA LYS A 60 -2.28 9.92 -0.74
C LYS A 60 -1.34 10.45 0.35
N GLU A 61 -1.87 11.27 1.24
CA GLU A 61 -1.06 11.98 2.22
C GLU A 61 -0.42 11.04 3.25
N LYS A 62 -1.22 10.12 3.80
CA LYS A 62 -0.72 9.22 4.84
C LYS A 62 -0.93 7.75 4.45
N PHE A 63 -1.54 7.53 3.31
CA PHE A 63 -1.91 6.18 2.88
C PHE A 63 -1.99 6.13 1.36
N ALA A 64 -2.22 4.95 0.81
CA ALA A 64 -2.28 4.80 -0.63
C ALA A 64 -3.35 3.80 -1.04
N PHE A 65 -3.68 3.80 -2.32
CA PHE A 65 -4.60 2.83 -2.89
C PHE A 65 -3.87 1.99 -3.91
N ALA A 66 -4.00 0.68 -3.83
CA ALA A 66 -3.28 -0.20 -4.72
C ALA A 66 -4.18 -1.14 -5.50
N GLU A 67 -3.69 -1.58 -6.64
CA GLU A 67 -4.40 -2.51 -7.50
C GLU A 67 -3.80 -3.91 -7.39
N ARG A 68 -4.60 -4.88 -6.97
CA ARG A 68 -4.15 -6.26 -6.94
C ARG A 68 -3.89 -6.79 -8.35
N VAL A 69 -2.61 -6.94 -8.65
CA VAL A 69 -2.16 -7.67 -9.82
C VAL A 69 -2.23 -9.16 -9.44
N LEU A 70 -1.82 -10.06 -10.33
CA LEU A 70 -1.84 -11.50 -10.03
C LEU A 70 -3.25 -12.06 -10.16
N MET A 1 15.95 14.56 14.08
CA MET A 1 15.78 15.23 12.77
C MET A 1 15.32 14.23 11.72
N ALA A 2 16.15 13.22 11.48
CA ALA A 2 15.81 12.18 10.52
C ALA A 2 15.05 11.05 11.20
N PHE A 3 14.37 10.23 10.41
CA PHE A 3 13.56 9.15 10.97
C PHE A 3 13.38 8.03 9.95
N GLY A 4 13.23 8.41 8.69
CA GLY A 4 12.96 7.45 7.64
C GLY A 4 11.70 7.81 6.90
N LYS A 5 10.94 8.72 7.50
CA LYS A 5 9.73 9.25 6.89
C LYS A 5 10.07 10.19 5.72
N PRO A 6 11.06 11.10 5.88
CA PRO A 6 11.57 11.89 4.76
C PRO A 6 12.52 11.08 3.89
N ALA A 7 12.92 11.64 2.74
CA ALA A 7 13.74 10.94 1.76
C ALA A 7 12.96 9.76 1.15
N MET A 8 13.62 9.00 0.28
CA MET A 8 12.98 7.87 -0.39
C MET A 8 11.73 8.35 -1.14
N LYS A 9 11.91 9.37 -1.97
CA LYS A 9 10.83 9.99 -2.73
C LYS A 9 9.80 10.66 -1.81
N ASN A 10 10.15 10.72 -0.54
CA ASN A 10 9.27 11.25 0.52
C ASN A 10 8.00 10.42 0.61
N VAL A 11 8.03 9.27 -0.04
CA VAL A 11 6.89 8.39 -0.20
C VAL A 11 7.40 6.99 -0.56
N PRO A 12 7.23 6.02 0.35
CA PRO A 12 7.78 4.66 0.18
C PRO A 12 7.11 3.87 -0.93
N VAL A 13 6.01 4.40 -1.45
CA VAL A 13 5.23 3.70 -2.46
C VAL A 13 5.16 4.53 -3.75
N GLU A 14 5.65 3.96 -4.84
CA GLU A 14 5.67 4.67 -6.11
C GLU A 14 4.41 4.38 -6.91
N ALA A 15 3.69 5.44 -7.26
CA ALA A 15 2.48 5.32 -8.04
C ALA A 15 2.80 4.86 -9.45
N GLY A 16 2.66 3.56 -9.68
CA GLY A 16 2.97 3.00 -10.96
C GLY A 16 3.62 1.63 -10.86
N LYS A 17 4.35 1.41 -9.78
CA LYS A 17 5.03 0.14 -9.59
C LYS A 17 4.21 -0.80 -8.73
N GLU A 18 4.65 -2.04 -8.70
CA GLU A 18 3.99 -3.09 -7.95
C GLU A 18 4.90 -3.60 -6.84
N TYR A 19 4.30 -4.06 -5.76
CA TYR A 19 5.05 -4.61 -4.64
C TYR A 19 4.37 -5.86 -4.11
N GLU A 20 5.15 -6.86 -3.74
CA GLU A 20 4.62 -8.05 -3.10
C GLU A 20 4.34 -7.76 -1.64
N VAL A 21 3.08 -7.65 -1.29
CA VAL A 21 2.68 -7.30 0.07
C VAL A 21 1.86 -8.42 0.71
N THR A 22 1.74 -8.37 2.01
CA THR A 22 0.95 -9.34 2.73
C THR A 22 -0.30 -8.69 3.32
N ILE A 23 -1.40 -9.41 3.25
CA ILE A 23 -2.68 -8.92 3.71
C ILE A 23 -2.99 -9.57 5.02
N GLU A 24 -2.09 -9.33 5.96
CA GLU A 24 -2.19 -9.89 7.31
C GLU A 24 -3.41 -9.32 8.04
N ASP A 25 -4.06 -8.33 7.44
CA ASP A 25 -5.18 -7.66 8.08
C ASP A 25 -6.29 -7.40 7.08
N MET A 26 -7.52 -7.62 7.51
CA MET A 26 -8.68 -7.37 6.66
C MET A 26 -9.60 -6.35 7.34
N GLY A 27 -9.72 -5.18 6.72
CA GLY A 27 -10.53 -4.13 7.28
C GLY A 27 -11.75 -3.84 6.44
N LYS A 28 -12.64 -3.00 6.94
CA LYS A 28 -13.83 -2.54 6.22
C LYS A 28 -14.73 -3.70 5.78
N GLY A 29 -14.49 -4.87 6.34
CA GLY A 29 -15.29 -6.04 6.00
C GLY A 29 -14.81 -6.73 4.74
N GLY A 30 -14.00 -6.06 3.93
CA GLY A 30 -13.53 -6.66 2.70
C GLY A 30 -12.45 -5.85 2.02
N ASP A 31 -11.64 -5.17 2.80
CA ASP A 31 -10.52 -4.38 2.28
C ASP A 31 -9.23 -4.90 2.88
N GLY A 32 -8.23 -5.12 2.03
CA GLY A 32 -6.98 -5.69 2.50
C GLY A 32 -6.01 -4.63 2.99
N ILE A 33 -5.47 -4.81 4.18
CA ILE A 33 -4.51 -3.86 4.72
C ILE A 33 -3.09 -4.39 4.54
N ALA A 34 -2.41 -3.86 3.54
CA ALA A 34 -0.98 -4.07 3.42
C ALA A 34 -0.27 -2.87 4.05
N ARG A 35 0.93 -3.07 4.55
CA ARG A 35 1.65 -1.98 5.18
C ARG A 35 3.13 -2.02 4.81
N ILE A 36 3.52 -1.14 3.91
CA ILE A 36 4.88 -1.12 3.40
C ILE A 36 5.78 -0.29 4.30
N ASP A 37 6.57 -1.00 5.08
CA ASP A 37 7.54 -0.40 6.02
C ASP A 37 6.84 0.46 7.08
N GLY A 38 5.53 0.35 7.16
CA GLY A 38 4.78 1.16 8.10
C GLY A 38 3.76 2.03 7.40
N PHE A 39 3.92 2.20 6.09
CA PHE A 39 3.00 2.98 5.30
C PHE A 39 1.80 2.12 4.92
N VAL A 40 0.63 2.53 5.35
CA VAL A 40 -0.58 1.76 5.13
C VAL A 40 -1.03 1.84 3.68
N VAL A 41 -1.03 0.69 3.01
CA VAL A 41 -1.47 0.60 1.63
C VAL A 41 -2.75 -0.21 1.57
N PHE A 42 -3.86 0.47 1.33
CA PHE A 42 -5.16 -0.17 1.28
C PHE A 42 -5.33 -0.89 -0.05
N VAL A 43 -5.69 -2.15 0.03
CA VAL A 43 -5.86 -2.96 -1.15
C VAL A 43 -7.31 -3.39 -1.30
N PRO A 44 -8.06 -2.65 -2.14
CA PRO A 44 -9.51 -2.82 -2.31
C PRO A 44 -9.93 -4.22 -2.77
N ASN A 45 -9.00 -4.97 -3.30
CA ASN A 45 -9.33 -6.20 -4.01
C ASN A 45 -8.47 -7.38 -3.55
N ALA A 46 -7.70 -7.20 -2.49
CA ALA A 46 -6.93 -8.28 -1.92
C ALA A 46 -7.79 -9.14 -1.00
N GLU A 47 -7.36 -10.35 -0.75
CA GLU A 47 -8.07 -11.26 0.12
C GLU A 47 -7.31 -11.44 1.44
N LYS A 48 -8.02 -11.87 2.47
CA LYS A 48 -7.46 -12.00 3.80
C LYS A 48 -6.35 -13.05 3.86
N GLY A 49 -5.17 -12.62 4.30
CA GLY A 49 -4.05 -13.54 4.49
C GLY A 49 -3.41 -14.00 3.21
N SER A 50 -3.58 -13.23 2.15
CA SER A 50 -3.02 -13.60 0.86
C SER A 50 -1.68 -12.92 0.61
N VAL A 51 -0.84 -13.56 -0.20
CA VAL A 51 0.40 -12.96 -0.66
C VAL A 51 0.19 -12.40 -2.05
N ILE A 52 0.10 -11.09 -2.14
CA ILE A 52 -0.38 -10.45 -3.35
C ILE A 52 0.57 -9.38 -3.87
N ASN A 53 0.61 -9.29 -5.19
CA ASN A 53 1.38 -8.25 -5.86
C ASN A 53 0.47 -7.06 -6.15
N VAL A 54 0.71 -5.96 -5.46
CA VAL A 54 -0.15 -4.79 -5.60
C VAL A 54 0.55 -3.68 -6.35
N LYS A 55 -0.12 -3.16 -7.37
CA LYS A 55 0.39 -2.01 -8.09
C LYS A 55 -0.24 -0.74 -7.55
N VAL A 56 0.54 0.02 -6.80
CA VAL A 56 0.04 1.25 -6.19
C VAL A 56 -0.21 2.30 -7.27
N THR A 57 -1.47 2.64 -7.48
CA THR A 57 -1.83 3.57 -8.54
C THR A 57 -2.39 4.88 -7.98
N ALA A 58 -2.66 4.91 -6.69
CA ALA A 58 -3.27 6.07 -6.07
C ALA A 58 -2.68 6.33 -4.69
N VAL A 59 -1.65 7.14 -4.63
CA VAL A 59 -1.02 7.50 -3.37
C VAL A 59 -1.67 8.77 -2.83
N LYS A 60 -2.04 8.75 -1.55
CA LYS A 60 -2.62 9.91 -0.90
C LYS A 60 -1.65 10.42 0.17
N GLU A 61 -2.06 11.47 0.88
CA GLU A 61 -1.16 12.14 1.82
C GLU A 61 -0.84 11.31 3.06
N LYS A 62 -1.74 10.41 3.44
CA LYS A 62 -1.55 9.62 4.66
C LYS A 62 -1.38 8.14 4.33
N PHE A 63 -1.99 7.72 3.24
CA PHE A 63 -2.06 6.31 2.88
C PHE A 63 -2.17 6.17 1.37
N ALA A 64 -2.06 4.96 0.87
CA ALA A 64 -2.14 4.73 -0.57
C ALA A 64 -3.09 3.60 -0.90
N PHE A 65 -3.55 3.58 -2.14
CA PHE A 65 -4.39 2.51 -2.63
C PHE A 65 -3.70 1.78 -3.76
N ALA A 66 -3.74 0.46 -3.72
CA ALA A 66 -3.09 -0.36 -4.73
C ALA A 66 -4.08 -1.32 -5.37
N GLU A 67 -3.62 -2.08 -6.35
CA GLU A 67 -4.49 -3.01 -7.05
C GLU A 67 -3.89 -4.42 -7.05
N ARG A 68 -4.75 -5.41 -6.89
CA ARG A 68 -4.36 -6.81 -6.94
C ARG A 68 -4.01 -7.22 -8.37
N VAL A 69 -2.72 -7.24 -8.68
CA VAL A 69 -2.26 -7.67 -10.00
C VAL A 69 -2.17 -9.19 -10.05
N LEU A 70 -3.31 -9.85 -9.94
CA LEU A 70 -3.36 -11.31 -9.93
C LEU A 70 -4.40 -11.81 -10.94
N MET A 1 18.10 8.56 10.88
CA MET A 1 17.12 8.33 9.79
C MET A 1 17.01 9.57 8.91
N ALA A 2 16.57 10.67 9.50
CA ALA A 2 16.23 11.86 8.72
C ALA A 2 17.35 12.89 8.69
N PHE A 3 18.50 12.57 9.27
CA PHE A 3 19.60 13.52 9.29
C PHE A 3 20.39 13.45 7.99
N GLY A 4 20.24 14.49 7.19
CA GLY A 4 20.82 14.51 5.86
C GLY A 4 19.82 15.07 4.87
N LYS A 5 18.58 14.62 5.01
CA LYS A 5 17.47 15.13 4.23
C LYS A 5 16.14 14.68 4.84
N PRO A 6 15.59 15.48 5.75
CA PRO A 6 14.30 15.18 6.39
C PRO A 6 13.12 15.52 5.47
N ALA A 7 13.37 15.41 4.17
CA ALA A 7 12.39 15.79 3.16
C ALA A 7 12.69 15.07 1.85
N MET A 8 12.26 15.69 0.75
CA MET A 8 12.46 15.19 -0.62
C MET A 8 11.42 14.14 -0.97
N LYS A 9 10.31 14.18 -0.23
CA LYS A 9 9.12 13.38 -0.54
C LYS A 9 9.45 11.88 -0.66
N ASN A 10 10.16 11.35 0.33
CA ASN A 10 10.56 9.95 0.30
C ASN A 10 9.43 9.04 0.78
N VAL A 11 8.32 9.08 0.06
CA VAL A 11 7.19 8.20 0.31
C VAL A 11 7.58 6.76 0.03
N PRO A 12 7.34 5.85 0.99
CA PRO A 12 7.74 4.43 0.89
C PRO A 12 7.18 3.75 -0.36
N VAL A 13 6.00 4.16 -0.79
CA VAL A 13 5.34 3.56 -1.93
C VAL A 13 5.48 4.45 -3.16
N GLU A 14 5.98 3.86 -4.24
CA GLU A 14 6.14 4.58 -5.49
C GLU A 14 4.95 4.34 -6.41
N ALA A 15 4.18 5.39 -6.66
CA ALA A 15 2.99 5.31 -7.50
C ALA A 15 3.32 4.82 -8.90
N GLY A 16 2.70 3.71 -9.28
CA GLY A 16 2.94 3.11 -10.58
C GLY A 16 3.59 1.75 -10.47
N LYS A 17 4.39 1.55 -9.43
CA LYS A 17 5.09 0.30 -9.25
C LYS A 17 4.25 -0.69 -8.44
N GLU A 18 4.46 -1.96 -8.70
CA GLU A 18 3.74 -3.01 -8.01
C GLU A 18 4.67 -3.74 -7.03
N TYR A 19 4.14 -4.10 -5.88
CA TYR A 19 4.93 -4.72 -4.82
C TYR A 19 4.27 -6.01 -4.35
N GLU A 20 5.09 -7.00 -3.99
CA GLU A 20 4.59 -8.22 -3.37
C GLU A 20 4.33 -7.94 -1.89
N VAL A 21 3.06 -7.82 -1.51
CA VAL A 21 2.70 -7.40 -0.17
C VAL A 21 1.91 -8.46 0.57
N THR A 22 1.72 -8.23 1.87
CA THR A 22 0.92 -9.10 2.71
C THR A 22 -0.32 -8.35 3.19
N ILE A 23 -1.37 -9.09 3.53
CA ILE A 23 -2.65 -8.51 3.90
C ILE A 23 -2.96 -8.91 5.33
N GLU A 24 -2.12 -8.44 6.22
CA GLU A 24 -2.25 -8.72 7.65
C GLU A 24 -3.41 -7.95 8.29
N ASP A 25 -4.01 -7.05 7.52
CA ASP A 25 -5.18 -6.30 7.99
C ASP A 25 -6.24 -6.26 6.89
N MET A 26 -7.50 -6.12 7.27
CA MET A 26 -8.59 -5.95 6.31
C MET A 26 -9.56 -4.89 6.78
N GLY A 27 -10.27 -4.28 5.83
CA GLY A 27 -11.29 -3.30 6.17
C GLY A 27 -12.63 -3.95 6.46
N LYS A 28 -12.65 -5.28 6.36
CA LYS A 28 -13.83 -6.08 6.69
C LYS A 28 -14.96 -5.87 5.69
N GLY A 29 -14.62 -5.27 4.58
CA GLY A 29 -15.59 -5.02 3.53
C GLY A 29 -15.11 -5.53 2.19
N GLY A 30 -14.22 -6.51 2.23
CA GLY A 30 -13.62 -7.03 1.03
C GLY A 30 -12.26 -6.41 0.78
N ASP A 31 -12.15 -5.14 1.13
CA ASP A 31 -10.89 -4.41 1.05
C ASP A 31 -9.91 -4.90 2.11
N GLY A 32 -8.65 -5.07 1.72
CA GLY A 32 -7.61 -5.49 2.62
C GLY A 32 -6.54 -4.45 2.77
N ILE A 33 -5.81 -4.47 3.88
CA ILE A 33 -4.78 -3.48 4.14
C ILE A 33 -3.39 -4.11 4.09
N ALA A 34 -2.64 -3.75 3.06
CA ALA A 34 -1.24 -4.11 2.97
C ALA A 34 -0.39 -3.10 3.75
N ARG A 35 0.82 -3.49 4.08
CA ARG A 35 1.71 -2.62 4.83
C ARG A 35 3.09 -2.61 4.21
N ILE A 36 3.41 -1.53 3.50
CA ILE A 36 4.72 -1.40 2.91
C ILE A 36 5.56 -0.43 3.73
N ASP A 37 6.59 -0.97 4.37
CA ASP A 37 7.49 -0.18 5.23
C ASP A 37 6.75 0.32 6.48
N GLY A 38 5.50 -0.12 6.65
CA GLY A 38 4.67 0.38 7.73
C GLY A 38 3.62 1.35 7.21
N PHE A 39 3.71 1.65 5.92
CA PHE A 39 2.77 2.53 5.25
C PHE A 39 1.53 1.72 4.87
N VAL A 40 0.37 2.29 5.11
CA VAL A 40 -0.89 1.59 4.90
C VAL A 40 -1.30 1.65 3.44
N VAL A 41 -1.44 0.49 2.83
CA VAL A 41 -1.82 0.39 1.43
C VAL A 41 -3.10 -0.43 1.27
N PHE A 42 -4.18 0.24 0.90
CA PHE A 42 -5.48 -0.41 0.75
C PHE A 42 -5.54 -1.20 -0.55
N VAL A 43 -5.98 -2.45 -0.44
CA VAL A 43 -6.08 -3.34 -1.59
C VAL A 43 -7.51 -3.86 -1.70
N PRO A 44 -8.23 -3.41 -2.75
CA PRO A 44 -9.69 -3.61 -2.88
C PRO A 44 -10.16 -5.07 -2.88
N ASN A 45 -9.34 -5.99 -3.37
CA ASN A 45 -9.78 -7.37 -3.52
C ASN A 45 -8.78 -8.37 -2.98
N ALA A 46 -7.91 -7.93 -2.08
CA ALA A 46 -6.96 -8.84 -1.44
C ALA A 46 -7.57 -9.51 -0.21
N GLU A 47 -7.38 -10.82 -0.09
CA GLU A 47 -7.85 -11.57 1.05
C GLU A 47 -6.83 -11.56 2.19
N LYS A 48 -7.30 -11.76 3.41
CA LYS A 48 -6.41 -11.75 4.57
C LYS A 48 -5.42 -12.91 4.50
N GLY A 49 -4.15 -12.59 4.55
CA GLY A 49 -3.12 -13.61 4.53
C GLY A 49 -2.66 -13.96 3.13
N SER A 50 -3.22 -13.28 2.14
CA SER A 50 -2.81 -13.51 0.76
C SER A 50 -1.51 -12.77 0.47
N VAL A 51 -0.62 -13.44 -0.27
CA VAL A 51 0.59 -12.82 -0.75
C VAL A 51 0.31 -12.26 -2.13
N ILE A 52 0.07 -10.97 -2.20
CA ILE A 52 -0.44 -10.37 -3.42
C ILE A 52 0.44 -9.26 -3.94
N ASN A 53 0.56 -9.26 -5.25
CA ASN A 53 1.28 -8.22 -5.97
C ASN A 53 0.33 -7.08 -6.24
N VAL A 54 0.60 -5.93 -5.64
CA VAL A 54 -0.28 -4.78 -5.77
C VAL A 54 0.43 -3.60 -6.41
N LYS A 55 -0.22 -2.99 -7.40
CA LYS A 55 0.35 -1.83 -8.04
C LYS A 55 -0.25 -0.56 -7.43
N VAL A 56 0.54 0.15 -6.64
CA VAL A 56 0.06 1.35 -5.96
C VAL A 56 -0.15 2.46 -6.98
N THR A 57 -1.40 2.77 -7.27
CA THR A 57 -1.74 3.73 -8.30
C THR A 57 -2.15 5.07 -7.73
N ALA A 58 -2.58 5.08 -6.47
CA ALA A 58 -3.08 6.30 -5.85
C ALA A 58 -2.51 6.46 -4.45
N VAL A 59 -1.41 7.17 -4.36
CA VAL A 59 -0.76 7.45 -3.09
C VAL A 59 -1.34 8.73 -2.49
N LYS A 60 -1.96 8.61 -1.33
CA LYS A 60 -2.46 9.78 -0.60
C LYS A 60 -1.45 10.15 0.48
N GLU A 61 -1.85 11.04 1.37
CA GLU A 61 -0.96 11.54 2.42
C GLU A 61 -0.67 10.48 3.47
N LYS A 62 -1.72 9.90 4.04
CA LYS A 62 -1.56 8.95 5.14
C LYS A 62 -1.49 7.51 4.66
N PHE A 63 -2.15 7.23 3.54
CA PHE A 63 -2.26 5.88 3.04
C PHE A 63 -2.39 5.88 1.53
N ALA A 64 -2.19 4.72 0.91
CA ALA A 64 -2.27 4.62 -0.53
C ALA A 64 -3.25 3.52 -0.94
N PHE A 65 -3.66 3.56 -2.19
CA PHE A 65 -4.52 2.54 -2.75
C PHE A 65 -3.79 1.79 -3.85
N ALA A 66 -3.80 0.47 -3.78
CA ALA A 66 -3.05 -0.35 -4.72
C ALA A 66 -3.95 -1.29 -5.50
N GLU A 67 -3.49 -1.66 -6.67
CA GLU A 67 -4.25 -2.51 -7.56
C GLU A 67 -3.75 -3.96 -7.52
N ARG A 68 -4.62 -4.86 -7.07
CA ARG A 68 -4.36 -6.29 -7.12
C ARG A 68 -4.00 -6.73 -8.55
N VAL A 69 -2.73 -7.07 -8.77
CA VAL A 69 -2.25 -7.51 -10.07
C VAL A 69 -2.54 -8.99 -10.28
N LEU A 70 -3.38 -9.52 -9.40
CA LEU A 70 -3.82 -10.90 -9.49
C LEU A 70 -5.01 -10.98 -10.43
N MET A 1 15.77 12.89 14.94
CA MET A 1 16.01 13.73 13.74
C MET A 1 14.71 14.31 13.20
N ALA A 2 14.42 15.53 13.61
CA ALA A 2 13.26 16.25 13.10
C ALA A 2 13.74 17.41 12.23
N PHE A 3 13.71 17.20 10.93
CA PHE A 3 14.25 18.16 9.98
C PHE A 3 13.21 19.23 9.64
N GLY A 4 12.46 19.66 10.64
CA GLY A 4 11.40 20.64 10.42
C GLY A 4 10.06 19.95 10.26
N LYS A 5 10.05 18.95 9.41
CA LYS A 5 8.86 18.15 9.19
C LYS A 5 9.09 16.72 9.65
N PRO A 6 8.23 16.21 10.54
CA PRO A 6 8.25 14.81 10.95
C PRO A 6 7.92 13.89 9.78
N ALA A 7 8.64 12.77 9.70
CA ALA A 7 8.49 11.83 8.59
C ALA A 7 8.83 12.50 7.25
N MET A 8 8.16 12.07 6.18
CA MET A 8 8.37 12.63 4.84
C MET A 8 9.79 12.39 4.36
N LYS A 9 10.27 11.18 4.57
CA LYS A 9 11.61 10.82 4.13
C LYS A 9 11.56 9.73 3.06
N ASN A 10 11.10 10.14 1.87
CA ASN A 10 10.96 9.26 0.71
C ASN A 10 9.79 8.30 0.89
N VAL A 11 8.74 8.52 0.10
CA VAL A 11 7.57 7.67 0.12
C VAL A 11 7.95 6.21 -0.19
N PRO A 12 7.58 5.27 0.69
CA PRO A 12 7.96 3.86 0.57
C PRO A 12 7.29 3.15 -0.59
N VAL A 13 6.33 3.82 -1.20
CA VAL A 13 5.57 3.27 -2.31
C VAL A 13 5.53 4.26 -3.46
N GLU A 14 5.76 3.79 -4.67
CA GLU A 14 5.72 4.64 -5.83
C GLU A 14 4.52 4.32 -6.70
N ALA A 15 3.84 5.36 -7.16
CA ALA A 15 2.72 5.20 -8.07
C ALA A 15 3.17 4.60 -9.40
N GLY A 16 2.65 3.43 -9.71
CA GLY A 16 3.00 2.76 -10.93
C GLY A 16 3.80 1.49 -10.71
N LYS A 17 4.20 1.25 -9.47
CA LYS A 17 4.97 0.07 -9.13
C LYS A 17 4.07 -1.07 -8.69
N GLU A 18 4.54 -2.29 -8.84
CA GLU A 18 3.83 -3.44 -8.31
C GLU A 18 4.65 -4.07 -7.20
N TYR A 19 4.10 -4.10 -6.00
CA TYR A 19 4.81 -4.62 -4.85
C TYR A 19 4.20 -5.91 -4.35
N GLU A 20 5.06 -6.83 -3.95
CA GLU A 20 4.64 -8.09 -3.37
C GLU A 20 4.40 -7.91 -1.88
N VAL A 21 3.14 -7.75 -1.51
CA VAL A 21 2.80 -7.37 -0.15
C VAL A 21 2.04 -8.47 0.59
N THR A 22 1.86 -8.27 1.88
CA THR A 22 1.08 -9.17 2.71
C THR A 22 -0.17 -8.46 3.23
N ILE A 23 -1.21 -9.22 3.51
CA ILE A 23 -2.49 -8.65 3.89
C ILE A 23 -2.84 -9.13 5.28
N GLU A 24 -2.03 -8.70 6.22
CA GLU A 24 -2.22 -9.01 7.63
C GLU A 24 -3.51 -8.39 8.18
N ASP A 25 -4.07 -7.43 7.47
CA ASP A 25 -5.26 -6.73 7.94
C ASP A 25 -6.28 -6.56 6.81
N MET A 26 -7.55 -6.50 7.16
CA MET A 26 -8.60 -6.24 6.19
C MET A 26 -9.61 -5.26 6.76
N GLY A 27 -10.27 -4.52 5.87
CA GLY A 27 -11.29 -3.59 6.30
C GLY A 27 -12.65 -4.26 6.40
N LYS A 28 -12.67 -5.55 6.07
CA LYS A 28 -13.88 -6.37 6.14
C LYS A 28 -15.00 -5.81 5.27
N GLY A 29 -14.59 -5.04 4.28
CA GLY A 29 -15.52 -4.51 3.31
C GLY A 29 -14.94 -4.58 1.91
N GLY A 30 -14.19 -5.63 1.65
CA GLY A 30 -13.55 -5.80 0.35
C GLY A 30 -12.10 -5.34 0.37
N ASP A 31 -11.85 -4.23 1.04
CA ASP A 31 -10.50 -3.68 1.13
C ASP A 31 -9.63 -4.50 2.07
N GLY A 32 -8.47 -4.90 1.56
CA GLY A 32 -7.47 -5.53 2.39
C GLY A 32 -6.31 -4.58 2.63
N ILE A 33 -5.75 -4.61 3.83
CA ILE A 33 -4.73 -3.65 4.21
C ILE A 33 -3.35 -4.26 4.15
N ALA A 34 -2.61 -3.88 3.12
CA ALA A 34 -1.19 -4.16 3.08
C ALA A 34 -0.47 -3.02 3.77
N ARG A 35 0.72 -3.24 4.28
CA ARG A 35 1.45 -2.18 4.93
C ARG A 35 2.93 -2.28 4.61
N ILE A 36 3.44 -1.24 3.98
CA ILE A 36 4.83 -1.20 3.59
C ILE A 36 5.59 -0.19 4.44
N ASP A 37 6.42 -0.71 5.32
CA ASP A 37 7.25 0.11 6.21
C ASP A 37 6.39 0.90 7.19
N GLY A 38 5.14 0.46 7.38
CA GLY A 38 4.24 1.18 8.25
C GLY A 38 3.28 2.05 7.47
N PHE A 39 3.54 2.17 6.18
CA PHE A 39 2.69 2.94 5.29
C PHE A 39 1.52 2.06 4.86
N VAL A 40 0.31 2.49 5.20
CA VAL A 40 -0.88 1.70 4.94
C VAL A 40 -1.25 1.71 3.45
N VAL A 41 -1.34 0.55 2.85
CA VAL A 41 -1.68 0.43 1.45
C VAL A 41 -3.00 -0.32 1.30
N PHE A 42 -4.04 0.39 0.91
CA PHE A 42 -5.37 -0.19 0.77
C PHE A 42 -5.50 -0.93 -0.54
N VAL A 43 -5.76 -2.22 -0.46
CA VAL A 43 -5.93 -3.06 -1.61
C VAL A 43 -7.36 -3.57 -1.66
N PRO A 44 -8.22 -2.96 -2.50
CA PRO A 44 -9.68 -3.18 -2.47
C PRO A 44 -10.12 -4.58 -2.92
N ASN A 45 -9.17 -5.48 -3.17
CA ASN A 45 -9.49 -6.84 -3.58
C ASN A 45 -8.53 -7.85 -2.99
N ALA A 46 -7.77 -7.45 -1.99
CA ALA A 46 -6.79 -8.34 -1.37
C ALA A 46 -7.41 -9.18 -0.26
N GLU A 47 -7.12 -10.48 -0.26
CA GLU A 47 -7.59 -11.37 0.78
C GLU A 47 -6.57 -11.50 1.91
N LYS A 48 -7.06 -11.65 3.13
CA LYS A 48 -6.22 -11.74 4.31
C LYS A 48 -5.34 -12.99 4.28
N GLY A 49 -4.05 -12.82 4.50
CA GLY A 49 -3.15 -13.95 4.57
C GLY A 49 -2.59 -14.36 3.23
N SER A 50 -3.06 -13.73 2.16
CA SER A 50 -2.60 -14.06 0.82
C SER A 50 -1.47 -13.13 0.39
N VAL A 51 -0.55 -13.65 -0.42
CA VAL A 51 0.56 -12.85 -0.93
C VAL A 51 0.16 -12.26 -2.28
N ILE A 52 -0.04 -10.95 -2.30
CA ILE A 52 -0.61 -10.30 -3.46
C ILE A 52 0.33 -9.26 -4.07
N ASN A 53 0.29 -9.21 -5.38
CA ASN A 53 1.02 -8.23 -6.15
C ASN A 53 0.15 -6.99 -6.31
N VAL A 54 0.57 -5.89 -5.73
CA VAL A 54 -0.24 -4.68 -5.74
C VAL A 54 0.43 -3.57 -6.53
N LYS A 55 -0.30 -2.99 -7.46
CA LYS A 55 0.18 -1.83 -8.20
C LYS A 55 -0.35 -0.57 -7.54
N VAL A 56 0.52 0.12 -6.81
CA VAL A 56 0.14 1.36 -6.13
C VAL A 56 -0.19 2.43 -7.17
N THR A 57 -1.46 2.78 -7.26
CA THR A 57 -1.93 3.70 -8.28
C THR A 57 -2.24 5.08 -7.71
N ALA A 58 -2.62 5.14 -6.44
CA ALA A 58 -3.04 6.39 -5.83
C ALA A 58 -2.46 6.54 -4.44
N VAL A 59 -1.30 7.18 -4.37
CA VAL A 59 -0.66 7.47 -3.09
C VAL A 59 -1.28 8.71 -2.47
N LYS A 60 -1.76 8.60 -1.24
CA LYS A 60 -2.33 9.73 -0.54
C LYS A 60 -1.42 10.18 0.60
N GLU A 61 -1.98 10.72 1.67
CA GLU A 61 -1.20 11.26 2.77
C GLU A 61 -0.52 10.15 3.59
N LYS A 62 -1.30 9.47 4.43
CA LYS A 62 -0.74 8.46 5.32
C LYS A 62 -0.94 7.07 4.75
N PHE A 63 -1.60 7.00 3.61
CA PHE A 63 -1.99 5.74 3.03
C PHE A 63 -2.07 5.85 1.52
N ALA A 64 -2.11 4.72 0.85
CA ALA A 64 -2.23 4.69 -0.60
C ALA A 64 -3.21 3.61 -1.03
N PHE A 65 -3.54 3.61 -2.31
CA PHE A 65 -4.41 2.59 -2.87
C PHE A 65 -3.66 1.82 -3.95
N ALA A 66 -3.76 0.51 -3.92
CA ALA A 66 -3.08 -0.34 -4.88
C ALA A 66 -4.02 -1.40 -5.41
N GLU A 67 -3.85 -1.75 -6.68
CA GLU A 67 -4.73 -2.72 -7.31
C GLU A 67 -4.14 -4.12 -7.24
N ARG A 68 -5.02 -5.10 -7.02
CA ARG A 68 -4.66 -6.50 -7.05
C ARG A 68 -4.37 -6.94 -8.48
N VAL A 69 -3.10 -7.21 -8.75
CA VAL A 69 -2.64 -7.57 -10.10
C VAL A 69 -2.89 -9.06 -10.41
N LEU A 70 -3.69 -9.68 -9.58
CA LEU A 70 -4.00 -11.10 -9.73
C LEU A 70 -5.46 -11.35 -9.40
N MET A 1 7.92 22.84 8.05
CA MET A 1 9.23 23.53 7.90
C MET A 1 9.41 24.01 6.47
N ALA A 2 9.11 23.15 5.51
CA ALA A 2 9.23 23.51 4.11
C ALA A 2 7.96 24.19 3.63
N PHE A 3 8.11 25.25 2.85
CA PHE A 3 6.99 26.07 2.45
C PHE A 3 6.29 25.48 1.24
N GLY A 4 5.01 25.20 1.39
CA GLY A 4 4.23 24.63 0.31
C GLY A 4 4.12 23.13 0.44
N LYS A 5 4.98 22.56 1.28
CA LYS A 5 5.05 21.12 1.52
C LYS A 5 5.39 20.38 0.22
N PRO A 6 6.68 20.08 0.03
CA PRO A 6 7.16 19.33 -1.14
C PRO A 6 6.94 17.83 -0.96
N ALA A 7 7.62 17.03 -1.77
CA ALA A 7 7.47 15.59 -1.69
C ALA A 7 8.31 15.03 -0.55
N MET A 8 9.63 15.16 -0.66
CA MET A 8 10.56 14.65 0.35
C MET A 8 10.38 13.15 0.54
N LYS A 9 9.88 12.50 -0.50
CA LYS A 9 9.49 11.10 -0.45
C LYS A 9 8.34 10.91 0.53
N ASN A 10 8.71 10.64 1.76
CA ASN A 10 7.76 10.49 2.87
C ASN A 10 6.80 9.32 2.62
N VAL A 11 7.13 8.52 1.62
CA VAL A 11 6.26 7.48 1.10
C VAL A 11 7.10 6.46 0.33
N PRO A 12 7.02 5.18 0.72
CA PRO A 12 7.81 4.10 0.10
C PRO A 12 7.24 3.63 -1.22
N VAL A 13 5.96 3.88 -1.42
CA VAL A 13 5.27 3.41 -2.60
C VAL A 13 5.20 4.50 -3.67
N GLU A 14 5.69 4.19 -4.86
CA GLU A 14 5.68 5.16 -5.94
C GLU A 14 4.58 4.81 -6.93
N ALA A 15 3.76 5.81 -7.25
CA ALA A 15 2.64 5.63 -8.16
C ALA A 15 3.10 5.05 -9.49
N GLY A 16 2.60 3.87 -9.82
CA GLY A 16 2.96 3.22 -11.05
C GLY A 16 3.75 1.95 -10.82
N LYS A 17 4.43 1.87 -9.69
CA LYS A 17 5.21 0.69 -9.36
C LYS A 17 4.33 -0.35 -8.69
N GLU A 18 4.79 -1.59 -8.69
CA GLU A 18 4.07 -2.67 -8.07
C GLU A 18 4.96 -3.42 -7.08
N TYR A 19 4.44 -3.67 -5.89
CA TYR A 19 5.21 -4.32 -4.84
C TYR A 19 4.51 -5.59 -4.37
N GLU A 20 5.24 -6.44 -3.69
CA GLU A 20 4.68 -7.65 -3.13
C GLU A 20 4.34 -7.41 -1.66
N VAL A 21 3.08 -7.60 -1.30
CA VAL A 21 2.62 -7.29 0.04
C VAL A 21 1.87 -8.46 0.67
N THR A 22 1.62 -8.35 1.96
CA THR A 22 0.83 -9.34 2.67
C THR A 22 -0.41 -8.67 3.25
N ILE A 23 -1.53 -9.38 3.25
CA ILE A 23 -2.80 -8.82 3.63
C ILE A 23 -3.24 -9.46 4.94
N GLU A 24 -2.41 -9.29 5.93
CA GLU A 24 -2.64 -9.87 7.25
C GLU A 24 -3.68 -9.10 8.07
N ASP A 25 -4.36 -8.15 7.40
CA ASP A 25 -5.42 -7.39 8.05
C ASP A 25 -6.46 -6.97 7.01
N MET A 26 -7.71 -6.86 7.43
CA MET A 26 -8.78 -6.44 6.52
C MET A 26 -9.51 -5.22 7.07
N GLY A 27 -10.05 -4.43 6.15
CA GLY A 27 -10.73 -3.21 6.55
C GLY A 27 -12.19 -3.44 6.86
N LYS A 28 -12.95 -3.86 5.85
CA LYS A 28 -14.38 -4.02 6.00
C LYS A 28 -15.00 -4.87 4.91
N GLY A 29 -14.85 -6.16 5.06
CA GLY A 29 -15.58 -7.12 4.24
C GLY A 29 -15.22 -7.10 2.77
N GLY A 30 -13.94 -6.95 2.47
CA GLY A 30 -13.49 -7.04 1.10
C GLY A 30 -12.17 -6.36 0.90
N ASP A 31 -12.07 -5.15 1.40
CA ASP A 31 -10.82 -4.40 1.34
C ASP A 31 -9.89 -4.85 2.44
N GLY A 32 -8.60 -4.81 2.15
CA GLY A 32 -7.61 -5.28 3.09
C GLY A 32 -6.52 -4.26 3.33
N ILE A 33 -5.66 -4.55 4.29
CA ILE A 33 -4.56 -3.67 4.62
C ILE A 33 -3.23 -4.34 4.30
N ALA A 34 -2.46 -3.69 3.46
CA ALA A 34 -1.10 -4.12 3.18
C ALA A 34 -0.14 -3.03 3.62
N ARG A 35 0.70 -3.35 4.59
CA ARG A 35 1.54 -2.33 5.18
C ARG A 35 2.98 -2.44 4.67
N ILE A 36 3.38 -1.45 3.89
CA ILE A 36 4.72 -1.40 3.34
C ILE A 36 5.58 -0.45 4.15
N ASP A 37 6.53 -1.02 4.87
CA ASP A 37 7.45 -0.26 5.72
C ASP A 37 6.72 0.60 6.75
N GLY A 38 5.52 0.18 7.14
CA GLY A 38 4.74 0.94 8.09
C GLY A 38 3.67 1.77 7.43
N PHE A 39 3.80 1.93 6.12
CA PHE A 39 2.86 2.72 5.33
C PHE A 39 1.67 1.87 4.95
N VAL A 40 0.48 2.42 5.09
CA VAL A 40 -0.74 1.68 4.85
C VAL A 40 -1.16 1.75 3.39
N VAL A 41 -1.17 0.60 2.74
CA VAL A 41 -1.64 0.48 1.37
C VAL A 41 -2.94 -0.33 1.35
N PHE A 42 -4.01 0.28 0.89
CA PHE A 42 -5.30 -0.38 0.88
C PHE A 42 -5.50 -1.18 -0.39
N VAL A 43 -5.94 -2.43 -0.23
CA VAL A 43 -6.21 -3.31 -1.34
C VAL A 43 -7.72 -3.57 -1.46
N PRO A 44 -8.30 -3.29 -2.63
CA PRO A 44 -9.76 -3.41 -2.84
C PRO A 44 -10.26 -4.86 -2.89
N ASN A 45 -9.44 -5.75 -3.43
CA ASN A 45 -9.90 -7.09 -3.79
C ASN A 45 -8.92 -8.18 -3.38
N ALA A 46 -8.24 -7.99 -2.26
CA ALA A 46 -7.34 -9.00 -1.72
C ALA A 46 -8.06 -9.94 -0.74
N GLU A 47 -7.46 -11.11 -0.50
CA GLU A 47 -7.91 -12.02 0.54
C GLU A 47 -6.99 -11.91 1.75
N LYS A 48 -7.55 -12.10 2.95
CA LYS A 48 -6.76 -12.01 4.18
C LYS A 48 -5.74 -13.14 4.25
N GLY A 49 -4.55 -12.82 4.73
CA GLY A 49 -3.51 -13.81 4.90
C GLY A 49 -2.90 -14.27 3.59
N SER A 50 -3.17 -13.52 2.53
CA SER A 50 -2.62 -13.86 1.23
C SER A 50 -1.53 -12.85 0.87
N VAL A 51 -0.57 -13.30 0.07
CA VAL A 51 0.52 -12.44 -0.38
C VAL A 51 0.30 -12.04 -1.82
N ILE A 52 -0.11 -10.80 -2.03
CA ILE A 52 -0.48 -10.33 -3.35
C ILE A 52 0.50 -9.27 -3.83
N ASN A 53 0.62 -9.14 -5.14
CA ASN A 53 1.44 -8.08 -5.73
C ASN A 53 0.54 -6.90 -6.06
N VAL A 54 0.81 -5.75 -5.47
CA VAL A 54 -0.04 -4.58 -5.64
C VAL A 54 0.66 -3.49 -6.43
N LYS A 55 -0.02 -2.96 -7.42
CA LYS A 55 0.48 -1.81 -8.15
C LYS A 55 -0.20 -0.56 -7.62
N VAL A 56 0.55 0.27 -6.91
CA VAL A 56 -0.01 1.46 -6.29
C VAL A 56 -0.33 2.51 -7.34
N THR A 57 -1.61 2.80 -7.50
CA THR A 57 -2.05 3.75 -8.51
C THR A 57 -2.53 5.06 -7.88
N ALA A 58 -2.83 5.04 -6.58
CA ALA A 58 -3.34 6.22 -5.91
C ALA A 58 -2.62 6.42 -4.58
N VAL A 59 -1.55 7.18 -4.62
CA VAL A 59 -0.76 7.48 -3.43
C VAL A 59 -1.27 8.76 -2.76
N LYS A 60 -1.41 8.71 -1.44
CA LYS A 60 -1.77 9.89 -0.67
C LYS A 60 -0.67 10.22 0.33
N GLU A 61 -0.84 11.37 0.97
CA GLU A 61 0.03 11.79 2.05
C GLU A 61 -0.22 10.90 3.26
N LYS A 62 -1.44 10.42 3.37
CA LYS A 62 -1.84 9.53 4.40
C LYS A 62 -2.50 8.38 3.71
N PHE A 63 -1.63 7.45 3.35
CA PHE A 63 -1.99 6.06 2.95
C PHE A 63 -2.49 5.98 1.51
N ALA A 64 -2.09 4.91 0.82
CA ALA A 64 -2.32 4.81 -0.61
C ALA A 64 -3.23 3.63 -0.96
N PHE A 65 -3.65 3.60 -2.20
CA PHE A 65 -4.50 2.53 -2.70
C PHE A 65 -3.80 1.83 -3.85
N ALA A 66 -3.79 0.50 -3.83
CA ALA A 66 -3.10 -0.27 -4.84
C ALA A 66 -3.95 -1.42 -5.33
N GLU A 67 -3.77 -1.76 -6.61
CA GLU A 67 -4.54 -2.83 -7.22
C GLU A 67 -3.79 -4.16 -7.13
N ARG A 68 -4.51 -5.19 -6.72
CA ARG A 68 -3.99 -6.54 -6.67
C ARG A 68 -3.72 -7.06 -8.09
N VAL A 69 -2.45 -7.15 -8.45
CA VAL A 69 -2.04 -7.63 -9.75
C VAL A 69 -2.05 -9.16 -9.76
N LEU A 70 -3.24 -9.73 -9.64
CA LEU A 70 -3.41 -11.17 -9.67
C LEU A 70 -4.66 -11.52 -10.50
N MET A 1 -2.08 19.36 9.42
CA MET A 1 -1.65 19.20 8.02
C MET A 1 -0.15 18.88 7.96
N ALA A 2 0.67 19.80 8.47
CA ALA A 2 2.11 19.62 8.46
C ALA A 2 2.78 20.39 9.59
N PHE A 3 3.06 19.70 10.68
CA PHE A 3 3.73 20.31 11.82
C PHE A 3 5.18 19.85 11.90
N GLY A 4 6.10 20.79 11.85
CA GLY A 4 7.50 20.47 12.02
C GLY A 4 8.22 20.27 10.70
N LYS A 5 7.45 20.32 9.61
CA LYS A 5 7.96 20.03 8.27
C LYS A 5 8.54 18.62 8.23
N PRO A 6 7.66 17.61 8.22
CA PRO A 6 8.06 16.20 8.36
C PRO A 6 8.28 15.50 7.04
N ALA A 7 8.91 14.32 7.13
CA ALA A 7 9.11 13.42 5.99
C ALA A 7 10.12 13.95 4.98
N MET A 8 11.10 13.11 4.65
CA MET A 8 12.09 13.43 3.63
C MET A 8 11.62 12.94 2.27
N LYS A 9 10.30 12.71 2.19
CA LYS A 9 9.64 12.28 0.96
C LYS A 9 10.14 10.92 0.48
N ASN A 10 10.62 10.11 1.43
CA ASN A 10 11.03 8.75 1.12
C ASN A 10 9.81 7.85 1.17
N VAL A 11 8.91 8.07 0.23
CA VAL A 11 7.69 7.29 0.11
C VAL A 11 8.04 5.84 -0.24
N PRO A 12 7.61 4.91 0.61
CA PRO A 12 7.90 3.49 0.45
C PRO A 12 7.30 2.92 -0.82
N VAL A 13 6.18 3.50 -1.22
CA VAL A 13 5.43 3.03 -2.38
C VAL A 13 5.58 4.03 -3.53
N GLU A 14 5.52 3.53 -4.75
CA GLU A 14 5.60 4.39 -5.92
C GLU A 14 4.39 4.19 -6.81
N ALA A 15 3.85 5.29 -7.30
CA ALA A 15 2.65 5.25 -8.15
C ALA A 15 2.98 4.67 -9.51
N GLY A 16 2.53 3.44 -9.74
CA GLY A 16 2.79 2.79 -11.00
C GLY A 16 3.56 1.50 -10.83
N LYS A 17 4.12 1.28 -9.65
CA LYS A 17 4.92 0.09 -9.39
C LYS A 17 4.12 -0.92 -8.58
N GLU A 18 4.50 -2.18 -8.67
CA GLU A 18 3.81 -3.25 -7.96
C GLU A 18 4.69 -3.86 -6.87
N TYR A 19 4.08 -4.18 -5.74
CA TYR A 19 4.81 -4.69 -4.59
C TYR A 19 4.17 -5.96 -4.05
N GLU A 20 5.01 -6.90 -3.62
CA GLU A 20 4.53 -8.10 -2.98
C GLU A 20 4.19 -7.81 -1.53
N VAL A 21 2.92 -7.61 -1.26
CA VAL A 21 2.47 -7.19 0.06
C VAL A 21 1.70 -8.30 0.75
N THR A 22 1.67 -8.23 2.07
CA THR A 22 0.90 -9.16 2.88
C THR A 22 -0.35 -8.49 3.40
N ILE A 23 -1.41 -9.26 3.58
CA ILE A 23 -2.69 -8.74 3.96
C ILE A 23 -3.02 -9.27 5.34
N GLU A 24 -2.22 -8.83 6.28
CA GLU A 24 -2.36 -9.19 7.68
C GLU A 24 -3.70 -8.72 8.25
N ASP A 25 -4.26 -7.68 7.65
CA ASP A 25 -5.43 -7.02 8.23
C ASP A 25 -6.50 -6.78 7.17
N MET A 26 -7.76 -6.73 7.61
CA MET A 26 -8.85 -6.42 6.71
C MET A 26 -9.74 -5.32 7.27
N GLY A 27 -10.53 -4.71 6.41
CA GLY A 27 -11.46 -3.68 6.83
C GLY A 27 -12.88 -4.18 6.86
N LYS A 28 -13.74 -3.58 6.03
CA LYS A 28 -15.16 -3.95 5.96
C LYS A 28 -15.38 -5.25 5.19
N GLY A 29 -14.33 -6.04 5.05
CA GLY A 29 -14.44 -7.31 4.37
C GLY A 29 -13.89 -7.27 2.97
N GLY A 30 -14.18 -6.20 2.24
CA GLY A 30 -13.66 -6.05 0.89
C GLY A 30 -12.47 -5.13 0.85
N ASP A 31 -11.85 -4.94 2.00
CA ASP A 31 -10.68 -4.08 2.10
C ASP A 31 -9.53 -4.86 2.71
N GLY A 32 -8.49 -5.09 1.93
CA GLY A 32 -7.30 -5.71 2.44
C GLY A 32 -6.27 -4.67 2.82
N ILE A 33 -5.85 -4.67 4.06
CA ILE A 33 -4.91 -3.68 4.54
C ILE A 33 -3.49 -4.20 4.47
N ALA A 34 -2.79 -3.78 3.44
CA ALA A 34 -1.36 -3.99 3.36
C ALA A 34 -0.67 -2.73 3.78
N ARG A 35 0.58 -2.87 4.11
CA ARG A 35 1.33 -1.73 4.57
C ARG A 35 2.82 -1.94 4.37
N ILE A 36 3.40 -1.05 3.58
CA ILE A 36 4.78 -1.17 3.19
C ILE A 36 5.65 -0.31 4.10
N ASP A 37 6.45 -0.99 4.91
CA ASP A 37 7.33 -0.36 5.89
C ASP A 37 6.53 0.51 6.86
N GLY A 38 5.28 0.12 7.08
CA GLY A 38 4.42 0.87 8.00
C GLY A 38 3.40 1.71 7.27
N PHE A 39 3.72 2.05 6.03
CA PHE A 39 2.86 2.90 5.20
C PHE A 39 1.65 2.11 4.73
N VAL A 40 0.49 2.48 5.23
CA VAL A 40 -0.74 1.76 4.95
C VAL A 40 -1.17 1.90 3.49
N VAL A 41 -1.34 0.76 2.84
CA VAL A 41 -1.74 0.70 1.45
C VAL A 41 -3.03 -0.10 1.33
N PHE A 42 -4.12 0.58 1.03
CA PHE A 42 -5.43 -0.06 0.97
C PHE A 42 -5.59 -0.84 -0.32
N VAL A 43 -5.91 -2.12 -0.18
CA VAL A 43 -6.08 -2.99 -1.33
C VAL A 43 -7.48 -3.60 -1.33
N PRO A 44 -8.41 -3.04 -2.11
CA PRO A 44 -9.81 -3.48 -2.13
C PRO A 44 -10.02 -4.81 -2.86
N ASN A 45 -8.94 -5.39 -3.36
CA ASN A 45 -9.03 -6.60 -4.16
C ASN A 45 -8.12 -7.69 -3.60
N ALA A 46 -7.57 -7.45 -2.43
CA ALA A 46 -6.62 -8.38 -1.83
C ALA A 46 -7.30 -9.38 -0.92
N GLU A 47 -6.67 -10.54 -0.77
CA GLU A 47 -7.16 -11.59 0.11
C GLU A 47 -6.29 -11.66 1.37
N LYS A 48 -6.94 -11.78 2.52
CA LYS A 48 -6.24 -11.84 3.79
C LYS A 48 -5.39 -13.11 3.86
N GLY A 49 -4.17 -12.97 4.35
CA GLY A 49 -3.28 -14.11 4.49
C GLY A 49 -2.79 -14.62 3.16
N SER A 50 -2.80 -13.77 2.15
CA SER A 50 -2.34 -14.15 0.83
C SER A 50 -1.22 -13.21 0.39
N VAL A 51 -0.27 -13.75 -0.37
CA VAL A 51 0.84 -12.96 -0.88
C VAL A 51 0.46 -12.39 -2.25
N ILE A 52 0.09 -11.13 -2.25
CA ILE A 52 -0.39 -10.49 -3.46
C ILE A 52 0.50 -9.33 -3.85
N ASN A 53 0.71 -9.20 -5.14
CA ASN A 53 1.47 -8.08 -5.67
C ASN A 53 0.51 -7.00 -6.14
N VAL A 54 0.61 -5.85 -5.52
CA VAL A 54 -0.33 -4.77 -5.78
C VAL A 54 0.33 -3.60 -6.49
N LYS A 55 -0.40 -3.01 -7.42
CA LYS A 55 0.08 -1.85 -8.14
C LYS A 55 -0.44 -0.59 -7.45
N VAL A 56 0.44 0.15 -6.81
CA VAL A 56 0.05 1.38 -6.13
C VAL A 56 -0.29 2.44 -7.16
N THR A 57 -1.56 2.83 -7.22
CA THR A 57 -2.03 3.72 -8.26
C THR A 57 -2.41 5.09 -7.71
N ALA A 58 -2.57 5.20 -6.40
CA ALA A 58 -3.01 6.44 -5.78
C ALA A 58 -2.35 6.64 -4.43
N VAL A 59 -1.24 7.35 -4.41
CA VAL A 59 -0.55 7.68 -3.17
C VAL A 59 -1.13 8.99 -2.60
N LYS A 60 -1.62 8.92 -1.37
CA LYS A 60 -2.19 10.09 -0.72
C LYS A 60 -1.27 10.59 0.39
N GLU A 61 -1.80 11.45 1.26
CA GLU A 61 -1.03 12.07 2.32
C GLU A 61 -0.52 11.05 3.33
N LYS A 62 -1.46 10.25 3.87
CA LYS A 62 -1.14 9.36 4.98
C LYS A 62 -1.15 7.89 4.53
N PHE A 63 -1.80 7.62 3.42
CA PHE A 63 -1.96 6.25 2.95
C PHE A 63 -2.03 6.21 1.43
N ALA A 64 -2.09 5.01 0.87
CA ALA A 64 -2.17 4.86 -0.58
C ALA A 64 -3.17 3.78 -0.95
N PHE A 65 -3.51 3.74 -2.24
CA PHE A 65 -4.41 2.73 -2.76
C PHE A 65 -3.71 1.91 -3.83
N ALA A 66 -3.87 0.60 -3.77
CA ALA A 66 -3.22 -0.29 -4.73
C ALA A 66 -4.21 -1.31 -5.28
N GLU A 67 -3.93 -1.81 -6.47
CA GLU A 67 -4.79 -2.79 -7.11
C GLU A 67 -4.13 -4.15 -7.19
N ARG A 68 -4.93 -5.19 -7.03
CA ARG A 68 -4.48 -6.57 -7.20
C ARG A 68 -4.12 -6.86 -8.66
N VAL A 69 -2.84 -7.12 -8.91
CA VAL A 69 -2.38 -7.49 -10.25
C VAL A 69 -2.60 -8.98 -10.52
N LEU A 70 -3.25 -9.63 -9.58
CA LEU A 70 -3.48 -11.06 -9.66
C LEU A 70 -4.70 -11.36 -10.52
N MET A 1 21.77 4.09 2.34
CA MET A 1 21.27 5.47 2.08
C MET A 1 20.32 5.89 3.18
N ALA A 2 19.77 7.11 3.05
CA ALA A 2 18.75 7.61 3.96
C ALA A 2 19.29 7.77 5.38
N PHE A 3 20.59 7.98 5.51
CA PHE A 3 21.21 8.09 6.82
C PHE A 3 21.12 9.53 7.33
N GLY A 4 19.91 9.95 7.65
CA GLY A 4 19.71 11.26 8.26
C GLY A 4 19.31 12.33 7.27
N LYS A 5 20.26 12.74 6.43
CA LYS A 5 20.04 13.86 5.52
C LYS A 5 19.55 13.42 4.13
N PRO A 6 20.22 12.46 3.47
CA PRO A 6 19.80 12.00 2.14
C PRO A 6 18.55 11.13 2.18
N ALA A 7 17.79 11.14 1.09
CA ALA A 7 16.55 10.37 0.97
C ALA A 7 15.55 10.78 2.05
N MET A 8 14.90 11.91 1.82
CA MET A 8 13.91 12.44 2.76
C MET A 8 12.51 12.06 2.31
N LYS A 9 12.43 10.95 1.58
CA LYS A 9 11.16 10.48 1.04
C LYS A 9 10.31 9.81 2.12
N ASN A 10 9.33 10.54 2.61
CA ASN A 10 8.42 10.04 3.63
C ASN A 10 7.30 9.21 3.00
N VAL A 11 7.65 8.45 1.96
CA VAL A 11 6.69 7.69 1.17
C VAL A 11 7.42 6.57 0.43
N PRO A 12 7.20 5.32 0.88
CA PRO A 12 7.84 4.13 0.31
C PRO A 12 7.22 3.72 -1.03
N VAL A 13 5.91 3.83 -1.09
CA VAL A 13 5.15 3.36 -2.24
C VAL A 13 5.32 4.26 -3.45
N GLU A 14 5.61 3.64 -4.59
CA GLU A 14 5.77 4.36 -5.84
C GLU A 14 4.51 4.18 -6.68
N ALA A 15 3.84 5.28 -6.99
CA ALA A 15 2.61 5.24 -7.76
C ALA A 15 2.89 4.80 -9.20
N GLY A 16 2.49 3.59 -9.53
CA GLY A 16 2.70 3.08 -10.86
C GLY A 16 3.39 1.72 -10.85
N LYS A 17 4.11 1.44 -9.76
CA LYS A 17 4.81 0.16 -9.64
C LYS A 17 4.08 -0.77 -8.69
N GLU A 18 4.46 -2.04 -8.73
CA GLU A 18 3.82 -3.06 -7.91
C GLU A 18 4.82 -3.68 -6.94
N TYR A 19 4.30 -4.14 -5.80
CA TYR A 19 5.10 -4.77 -4.77
C TYR A 19 4.35 -5.97 -4.21
N GLU A 20 5.08 -7.01 -3.85
CA GLU A 20 4.46 -8.17 -3.24
C GLU A 20 4.32 -7.95 -1.73
N VAL A 21 3.09 -7.74 -1.29
CA VAL A 21 2.82 -7.35 0.09
C VAL A 21 1.88 -8.35 0.76
N THR A 22 1.78 -8.28 2.08
CA THR A 22 0.91 -9.17 2.81
C THR A 22 -0.37 -8.45 3.22
N ILE A 23 -1.45 -9.20 3.28
CA ILE A 23 -2.76 -8.65 3.61
C ILE A 23 -3.17 -9.22 4.95
N GLU A 24 -2.35 -8.87 5.94
CA GLU A 24 -2.52 -9.34 7.31
C GLU A 24 -3.82 -8.82 7.93
N ASP A 25 -4.40 -7.80 7.32
CA ASP A 25 -5.56 -7.13 7.90
C ASP A 25 -6.50 -6.67 6.81
N MET A 26 -7.78 -6.57 7.12
CA MET A 26 -8.76 -6.09 6.16
C MET A 26 -9.60 -4.97 6.74
N GLY A 27 -10.16 -4.16 5.86
CA GLY A 27 -10.93 -3.01 6.30
C GLY A 27 -12.36 -3.36 6.65
N LYS A 28 -13.02 -4.10 5.78
CA LYS A 28 -14.43 -4.44 6.00
C LYS A 28 -14.85 -5.63 5.14
N GLY A 29 -13.88 -6.41 4.71
CA GLY A 29 -14.18 -7.66 4.03
C GLY A 29 -13.58 -7.76 2.65
N GLY A 30 -13.73 -6.72 1.85
CA GLY A 30 -13.18 -6.74 0.50
C GLY A 30 -11.91 -5.93 0.39
N ASP A 31 -11.86 -4.83 1.13
CA ASP A 31 -10.68 -3.99 1.16
C ASP A 31 -9.70 -4.52 2.21
N GLY A 32 -8.44 -4.62 1.83
CA GLY A 32 -7.43 -5.13 2.73
C GLY A 32 -6.37 -4.10 3.04
N ILE A 33 -5.66 -4.28 4.15
CA ILE A 33 -4.60 -3.38 4.53
C ILE A 33 -3.24 -4.06 4.36
N ALA A 34 -2.52 -3.64 3.34
CA ALA A 34 -1.16 -4.08 3.14
C ALA A 34 -0.21 -3.11 3.84
N ARG A 35 0.95 -3.61 4.24
CA ARG A 35 1.91 -2.79 4.94
C ARG A 35 3.23 -2.77 4.19
N ILE A 36 3.59 -1.59 3.68
CA ILE A 36 4.87 -1.42 3.04
C ILE A 36 5.76 -0.54 3.88
N ASP A 37 6.73 -1.17 4.52
CA ASP A 37 7.66 -0.48 5.42
C ASP A 37 6.90 0.30 6.50
N GLY A 38 5.80 -0.28 6.96
CA GLY A 38 4.99 0.36 8.00
C GLY A 38 3.85 1.18 7.41
N PHE A 39 3.97 1.54 6.15
CA PHE A 39 3.00 2.40 5.49
C PHE A 39 1.74 1.62 5.15
N VAL A 40 0.60 2.28 5.29
CA VAL A 40 -0.68 1.62 5.08
C VAL A 40 -1.11 1.69 3.62
N VAL A 41 -1.18 0.54 2.98
CA VAL A 41 -1.63 0.47 1.60
C VAL A 41 -3.00 -0.20 1.54
N PHE A 42 -4.02 0.59 1.25
CA PHE A 42 -5.37 0.08 1.14
C PHE A 42 -5.55 -0.64 -0.19
N VAL A 43 -5.86 -1.92 -0.11
CA VAL A 43 -5.98 -2.75 -1.29
C VAL A 43 -7.40 -3.28 -1.42
N PRO A 44 -8.20 -2.66 -2.30
CA PRO A 44 -9.63 -2.99 -2.49
C PRO A 44 -9.88 -4.39 -3.03
N ASN A 45 -8.83 -5.08 -3.45
CA ASN A 45 -9.00 -6.38 -4.09
C ASN A 45 -8.10 -7.42 -3.42
N ALA A 46 -7.64 -7.10 -2.23
CA ALA A 46 -6.70 -7.96 -1.51
C ALA A 46 -7.30 -9.28 -1.06
N GLU A 47 -6.42 -10.26 -0.91
CA GLU A 47 -6.77 -11.56 -0.38
C GLU A 47 -6.26 -11.70 1.05
N LYS A 48 -7.17 -11.94 1.99
CA LYS A 48 -6.82 -12.03 3.40
C LYS A 48 -5.83 -13.16 3.65
N GLY A 49 -4.69 -12.81 4.25
CA GLY A 49 -3.68 -13.81 4.57
C GLY A 49 -2.70 -14.03 3.45
N SER A 50 -3.17 -13.92 2.21
CA SER A 50 -2.33 -14.12 1.05
C SER A 50 -1.33 -12.98 0.89
N VAL A 51 -0.23 -13.26 0.22
CA VAL A 51 0.78 -12.24 -0.05
C VAL A 51 0.64 -11.79 -1.49
N ILE A 52 -0.21 -10.80 -1.72
CA ILE A 52 -0.58 -10.40 -3.06
C ILE A 52 0.33 -9.28 -3.56
N ASN A 53 0.62 -9.31 -4.84
CA ASN A 53 1.38 -8.27 -5.48
C ASN A 53 0.46 -7.11 -5.85
N VAL A 54 0.66 -5.97 -5.19
CA VAL A 54 -0.21 -4.81 -5.39
C VAL A 54 0.50 -3.75 -6.22
N LYS A 55 -0.21 -3.16 -7.16
CA LYS A 55 0.31 -2.03 -7.89
C LYS A 55 -0.32 -0.76 -7.37
N VAL A 56 0.47 0.07 -6.70
CA VAL A 56 -0.02 1.31 -6.13
C VAL A 56 -0.45 2.25 -7.23
N THR A 57 -1.73 2.59 -7.24
CA THR A 57 -2.30 3.40 -8.30
C THR A 57 -2.53 4.85 -7.87
N ALA A 58 -2.69 5.07 -6.57
CA ALA A 58 -3.02 6.38 -6.06
C ALA A 58 -2.56 6.54 -4.61
N VAL A 59 -1.45 7.23 -4.44
CA VAL A 59 -0.96 7.56 -3.11
C VAL A 59 -1.57 8.87 -2.62
N LYS A 60 -2.23 8.82 -1.48
CA LYS A 60 -2.80 10.02 -0.88
C LYS A 60 -1.89 10.51 0.25
N GLU A 61 -2.38 11.50 1.00
CA GLU A 61 -1.57 12.14 2.04
C GLU A 61 -1.10 11.16 3.11
N LYS A 62 -2.01 10.35 3.63
CA LYS A 62 -1.69 9.50 4.78
C LYS A 62 -1.76 8.02 4.44
N PHE A 63 -2.21 7.70 3.24
CA PHE A 63 -2.41 6.31 2.84
C PHE A 63 -2.51 6.20 1.32
N ALA A 64 -2.20 5.02 0.80
CA ALA A 64 -2.22 4.80 -0.63
C ALA A 64 -3.19 3.67 -0.98
N PHE A 65 -3.63 3.64 -2.23
CA PHE A 65 -4.49 2.58 -2.72
C PHE A 65 -3.77 1.79 -3.81
N ALA A 66 -3.89 0.48 -3.76
CA ALA A 66 -3.23 -0.39 -4.73
C ALA A 66 -4.15 -1.51 -5.19
N GLU A 67 -3.91 -1.99 -6.41
CA GLU A 67 -4.74 -3.05 -6.98
C GLU A 67 -4.02 -4.40 -6.90
N ARG A 68 -4.79 -5.45 -6.67
CA ARG A 68 -4.25 -6.81 -6.72
C ARG A 68 -3.95 -7.21 -8.18
N VAL A 69 -2.67 -7.30 -8.49
CA VAL A 69 -2.21 -7.65 -9.84
C VAL A 69 -2.25 -9.18 -10.05
N LEU A 70 -3.15 -9.84 -9.34
CA LEU A 70 -3.32 -11.28 -9.44
C LEU A 70 -4.74 -11.66 -9.04
N MET A 1 20.14 10.14 17.80
CA MET A 1 20.80 10.23 16.48
C MET A 1 19.75 10.33 15.39
N ALA A 2 18.79 9.40 15.43
CA ALA A 2 17.64 9.47 14.54
C ALA A 2 16.61 10.42 15.13
N PHE A 3 16.32 11.48 14.41
CA PHE A 3 15.44 12.52 14.93
C PHE A 3 13.98 12.16 14.71
N GLY A 4 13.72 11.33 13.70
CA GLY A 4 12.36 10.95 13.39
C GLY A 4 11.78 11.80 12.28
N LYS A 5 12.36 12.97 12.10
CA LYS A 5 11.95 13.89 11.03
C LYS A 5 12.41 13.41 9.65
N PRO A 6 13.71 13.07 9.48
CA PRO A 6 14.23 12.62 8.18
C PRO A 6 13.63 11.27 7.77
N ALA A 7 13.53 11.05 6.45
CA ALA A 7 12.97 9.83 5.86
C ALA A 7 11.45 9.77 6.01
N MET A 8 10.93 10.35 7.08
CA MET A 8 9.50 10.37 7.34
C MET A 8 8.83 11.52 6.57
N LYS A 9 9.51 11.96 5.53
CA LYS A 9 9.01 13.00 4.65
C LYS A 9 9.25 12.58 3.21
N ASN A 10 9.37 11.27 3.03
CA ASN A 10 9.71 10.69 1.74
C ASN A 10 8.88 9.44 1.51
N VAL A 11 7.89 9.60 0.65
CA VAL A 11 7.02 8.51 0.19
C VAL A 11 7.78 7.18 0.13
N PRO A 12 7.50 6.27 1.07
CA PRO A 12 8.19 4.98 1.18
C PRO A 12 7.74 3.98 0.12
N VAL A 13 6.79 4.42 -0.68
CA VAL A 13 6.24 3.60 -1.75
C VAL A 13 6.41 4.33 -3.07
N GLU A 14 5.88 3.76 -4.13
CA GLU A 14 5.91 4.38 -5.43
C GLU A 14 4.50 4.67 -5.90
N ALA A 15 4.35 4.83 -7.20
CA ALA A 15 3.05 5.02 -7.82
C ALA A 15 3.16 4.75 -9.31
N GLY A 16 2.73 3.56 -9.70
CA GLY A 16 2.90 3.09 -11.05
C GLY A 16 3.62 1.76 -11.11
N LYS A 17 4.30 1.43 -10.01
CA LYS A 17 5.06 0.18 -9.93
C LYS A 17 4.31 -0.86 -9.12
N GLU A 18 4.73 -2.13 -9.25
CA GLU A 18 4.08 -3.22 -8.53
C GLU A 18 5.00 -3.80 -7.46
N TYR A 19 4.40 -4.19 -6.34
CA TYR A 19 5.11 -4.88 -5.27
C TYR A 19 4.31 -6.11 -4.84
N GLU A 20 4.83 -6.83 -3.86
CA GLU A 20 4.11 -7.96 -3.30
C GLU A 20 3.98 -7.78 -1.80
N VAL A 21 2.76 -7.59 -1.36
CA VAL A 21 2.48 -7.25 0.03
C VAL A 21 1.66 -8.34 0.72
N THR A 22 1.46 -8.20 2.01
CA THR A 22 0.68 -9.16 2.77
C THR A 22 -0.60 -8.51 3.26
N ILE A 23 -1.63 -9.34 3.45
CA ILE A 23 -2.94 -8.85 3.83
C ILE A 23 -3.26 -9.38 5.21
N GLU A 24 -2.42 -8.99 6.14
CA GLU A 24 -2.54 -9.40 7.54
C GLU A 24 -3.80 -8.84 8.18
N ASP A 25 -4.38 -7.81 7.56
CA ASP A 25 -5.49 -7.09 8.16
C ASP A 25 -6.55 -6.76 7.13
N MET A 26 -7.81 -6.95 7.51
CA MET A 26 -8.95 -6.58 6.68
C MET A 26 -9.76 -5.47 7.34
N GLY A 27 -10.29 -4.57 6.51
CA GLY A 27 -11.19 -3.56 7.01
C GLY A 27 -12.52 -4.19 7.41
N LYS A 28 -13.43 -4.31 6.45
CA LYS A 28 -14.67 -5.05 6.67
C LYS A 28 -15.36 -5.40 5.37
N GLY A 29 -15.16 -4.58 4.38
CA GLY A 29 -15.82 -4.76 3.10
C GLY A 29 -14.90 -5.31 2.01
N GLY A 30 -14.02 -6.22 2.39
CA GLY A 30 -13.12 -6.85 1.41
C GLY A 30 -11.89 -5.99 1.12
N ASP A 31 -11.86 -4.79 1.68
CA ASP A 31 -10.72 -3.91 1.51
C ASP A 31 -9.64 -4.29 2.51
N GLY A 32 -8.48 -4.69 1.99
CA GLY A 32 -7.44 -5.20 2.85
C GLY A 32 -6.38 -4.17 3.17
N ILE A 33 -5.72 -4.35 4.30
CA ILE A 33 -4.67 -3.45 4.73
C ILE A 33 -3.31 -4.10 4.55
N ALA A 34 -2.52 -3.54 3.64
CA ALA A 34 -1.16 -3.99 3.42
C ALA A 34 -0.17 -2.99 3.99
N ARG A 35 1.05 -3.42 4.22
CA ARG A 35 2.04 -2.57 4.86
C ARG A 35 3.35 -2.55 4.08
N ILE A 36 3.83 -1.36 3.77
CA ILE A 36 5.14 -1.20 3.18
C ILE A 36 5.97 -0.21 3.99
N ASP A 37 6.97 -0.73 4.66
CA ASP A 37 7.82 0.05 5.57
C ASP A 37 7.00 0.71 6.67
N GLY A 38 5.82 0.15 6.96
CA GLY A 38 4.95 0.72 7.97
C GLY A 38 3.83 1.55 7.35
N PHE A 39 3.98 1.83 6.07
CA PHE A 39 3.02 2.65 5.34
C PHE A 39 1.78 1.82 5.03
N VAL A 40 0.62 2.44 5.16
CA VAL A 40 -0.65 1.73 4.99
C VAL A 40 -1.11 1.77 3.54
N VAL A 41 -1.15 0.61 2.92
CA VAL A 41 -1.58 0.49 1.53
C VAL A 41 -2.87 -0.32 1.46
N PHE A 42 -3.93 0.31 0.97
CA PHE A 42 -5.24 -0.34 0.90
C PHE A 42 -5.39 -1.10 -0.41
N VAL A 43 -6.03 -2.26 -0.32
CA VAL A 43 -6.23 -3.12 -1.47
C VAL A 43 -7.65 -3.70 -1.48
N PRO A 44 -8.53 -3.14 -2.33
CA PRO A 44 -9.97 -3.45 -2.32
C PRO A 44 -10.32 -4.78 -2.97
N ASN A 45 -9.31 -5.54 -3.39
CA ASN A 45 -9.56 -6.83 -4.04
C ASN A 45 -8.59 -7.88 -3.50
N ALA A 46 -8.12 -7.66 -2.29
CA ALA A 46 -7.18 -8.58 -1.66
C ALA A 46 -7.89 -9.72 -0.95
N GLU A 47 -7.14 -10.76 -0.64
CA GLU A 47 -7.62 -11.85 0.19
C GLU A 47 -6.79 -11.91 1.47
N LYS A 48 -7.47 -12.07 2.59
CA LYS A 48 -6.81 -12.02 3.89
C LYS A 48 -5.85 -13.19 4.07
N GLY A 49 -4.69 -12.90 4.67
CA GLY A 49 -3.72 -13.92 4.96
C GLY A 49 -3.04 -14.44 3.71
N SER A 50 -2.81 -13.57 2.75
CA SER A 50 -2.14 -13.94 1.51
C SER A 50 -1.21 -12.84 1.05
N VAL A 51 -0.31 -13.19 0.15
CA VAL A 51 0.58 -12.22 -0.48
C VAL A 51 0.03 -11.88 -1.85
N ILE A 52 -0.23 -10.61 -2.10
CA ILE A 52 -0.78 -10.19 -3.37
C ILE A 52 0.14 -9.18 -4.04
N ASN A 53 0.24 -9.27 -5.36
CA ASN A 53 0.98 -8.30 -6.13
C ASN A 53 0.14 -7.03 -6.26
N VAL A 54 0.71 -5.89 -5.94
CA VAL A 54 -0.04 -4.64 -5.94
C VAL A 54 0.66 -3.57 -6.77
N LYS A 55 -0.08 -2.97 -7.67
CA LYS A 55 0.40 -1.80 -8.36
C LYS A 55 -0.21 -0.56 -7.70
N VAL A 56 0.59 0.13 -6.88
CA VAL A 56 0.12 1.33 -6.22
C VAL A 56 -0.13 2.42 -7.27
N THR A 57 -1.39 2.72 -7.51
CA THR A 57 -1.75 3.64 -8.57
C THR A 57 -2.29 4.96 -8.01
N ALA A 58 -2.61 5.00 -6.73
CA ALA A 58 -3.20 6.18 -6.14
C ALA A 58 -2.68 6.40 -4.72
N VAL A 59 -1.62 7.17 -4.59
CA VAL A 59 -1.06 7.50 -3.29
C VAL A 59 -1.80 8.70 -2.70
N LYS A 60 -2.00 8.68 -1.39
CA LYS A 60 -2.70 9.75 -0.71
C LYS A 60 -1.89 10.28 0.45
N GLU A 61 -2.56 11.00 1.36
CA GLU A 61 -1.92 11.73 2.47
C GLU A 61 -0.89 10.87 3.22
N LYS A 62 -1.35 9.80 3.85
CA LYS A 62 -0.47 8.93 4.62
C LYS A 62 -0.84 7.48 4.38
N PHE A 63 -1.52 7.25 3.27
CA PHE A 63 -1.96 5.92 2.88
C PHE A 63 -2.09 5.87 1.37
N ALA A 64 -1.95 4.70 0.80
CA ALA A 64 -2.01 4.56 -0.65
C ALA A 64 -3.01 3.50 -1.05
N PHE A 65 -3.52 3.61 -2.27
CA PHE A 65 -4.43 2.63 -2.82
C PHE A 65 -3.72 1.85 -3.92
N ALA A 66 -3.70 0.54 -3.78
CA ALA A 66 -3.04 -0.31 -4.75
C ALA A 66 -4.00 -1.36 -5.28
N GLU A 67 -3.78 -1.79 -6.50
CA GLU A 67 -4.63 -2.77 -7.12
C GLU A 67 -3.91 -4.10 -7.27
N ARG A 68 -4.57 -5.16 -6.81
CA ARG A 68 -4.07 -6.52 -6.90
C ARG A 68 -3.90 -6.95 -8.35
N VAL A 69 -2.65 -7.19 -8.71
CA VAL A 69 -2.27 -7.63 -10.05
C VAL A 69 -2.46 -9.14 -10.20
N LEU A 70 -3.14 -9.74 -9.24
CA LEU A 70 -3.38 -11.18 -9.23
C LEU A 70 -4.82 -11.49 -9.62
#